data_9L3C
#
_entry.id   9L3C
#
_cell.length_a   127.473
_cell.length_b   127.473
_cell.length_c   252.519
_cell.angle_alpha   90.00
_cell.angle_beta   90.00
_cell.angle_gamma   90.00
#
_symmetry.space_group_name_H-M   'P 41 2 2'
#
loop_
_entity.id
_entity.type
_entity.pdbx_description
1 polymer 'Lipase 2'
2 non-polymer GLYCEROL
3 non-polymer 'OCTANOIC ACID (CAPRYLIC ACID)'
4 non-polymer 'PROPANOIC ACID'
5 non-polymer Penfluridol
6 non-polymer 'FORMIC ACID'
7 non-polymer 'butanoic acid'
8 non-polymer 'ZINC ION'
9 non-polymer 'CALCIUM ION'
10 non-polymer 'CHLORIDE ION'
11 non-polymer 'UNDECANOIC ACID'
12 non-polymer 'HEPTANOIC ACID'
13 non-polymer 'HEXANOIC ACID'
14 water water
#
_entity_poly.entity_id   1
_entity_poly.type   'polypeptide(L)'
_entity_poly.pdbx_seq_one_letter_code
;MNHKVHHHHHHMKANQVQPLNKYPVVFVHGFLGLVGDNAPALYPNYWGGNKFKVIEELRKQGYNVHQASVSAFGSNYDRA
VQLYYYIKGGRVDYGAAHAAKYGHERYGKTYKGIMPNWEPGKKVHLVGHSMGGQTIRLMEEFLRNGNKEEIAYHQAHGGE
ISPLFTGGHNNMVASITTLATPHNGSQAADKFGNTEAVRKIMFALNRFMGNKYSNIDLGLTQWGFKQLPNESYIDYIKRV
SKSKIWTSDDNAAYDLTLDGSAKLNNMTSMNPNITYTTYTGVSSHTGPLGYENPDLGTFFLMDTTSRIIGHDAREEWRKN
DGVVPVISSLHPSNQPFVNVTNNEPATRRGIWQVKPILQGWDHVDFIGVDFLDFKRKGSELANFYIGIINDLLSVEATEG
KGTQLKAS
;
_entity_poly.pdbx_strand_id   A,B
#
loop_
_chem_comp.id
_chem_comp.type
_chem_comp.name
_chem_comp.formula
11A non-polymer 'UNDECANOIC ACID' 'C11 H22 O2'
6NA non-polymer 'HEXANOIC ACID' 'C6 H12 O2'
A1L60 non-polymer Penfluridol 'C28 H27 Cl F5 N O'
BUA non-polymer 'butanoic acid' 'C4 H8 O2'
CA non-polymer 'CALCIUM ION' 'Ca 2'
CL non-polymer 'CHLORIDE ION' 'Cl -1'
FMT non-polymer 'FORMIC ACID' 'C H2 O2'
GOL non-polymer GLYCEROL 'C3 H8 O3'
OCA non-polymer 'OCTANOIC ACID (CAPRYLIC ACID)' 'C8 H16 O2'
PPI non-polymer 'PROPANOIC ACID' 'C3 H6 O2'
SHV non-polymer 'HEPTANOIC ACID' 'C7 H14 O2'
ZN non-polymer 'ZINC ION' 'Zn 2'
#
# COMPACT_ATOMS: atom_id res chain seq x y z
N GLN A 18 29.37 -29.57 -10.82
CA GLN A 18 29.52 -28.58 -9.71
C GLN A 18 28.13 -28.19 -9.16
N PRO A 19 27.18 -27.62 -9.96
CA PRO A 19 25.81 -27.37 -9.47
C PRO A 19 24.95 -28.63 -9.29
N LEU A 20 24.10 -28.64 -8.26
CA LEU A 20 23.30 -29.82 -7.94
C LEU A 20 22.36 -30.18 -9.10
N ASN A 21 22.00 -29.19 -9.92
CA ASN A 21 21.14 -29.42 -11.07
C ASN A 21 21.99 -29.37 -12.33
N LYS A 22 21.84 -30.39 -13.19
CA LYS A 22 22.72 -30.50 -14.35
C LYS A 22 22.19 -29.59 -15.47
N TYR A 23 20.89 -29.28 -15.45
CA TYR A 23 20.29 -28.38 -16.43
C TYR A 23 19.92 -27.08 -15.74
N PRO A 24 20.36 -25.91 -16.25
CA PRO A 24 20.04 -24.63 -15.63
C PRO A 24 18.53 -24.39 -15.58
N VAL A 25 18.09 -23.73 -14.51
CA VAL A 25 16.70 -23.36 -14.38
C VAL A 25 16.54 -21.89 -14.73
N VAL A 26 15.57 -21.59 -15.60
CA VAL A 26 15.30 -20.23 -16.03
C VAL A 26 13.88 -19.85 -15.62
N PHE A 27 13.79 -18.81 -14.78
CA PHE A 27 12.55 -18.27 -14.29
C PHE A 27 12.10 -17.14 -15.21
N VAL A 28 10.83 -17.15 -15.61
CA VAL A 28 10.37 -16.25 -16.64
C VAL A 28 9.15 -15.51 -16.12
N HIS A 29 9.30 -14.19 -16.00
CA HIS A 29 8.31 -13.35 -15.35
C HIS A 29 7.15 -13.17 -16.30
N GLY A 30 6.05 -12.65 -15.76
CA GLY A 30 4.83 -12.43 -16.51
C GLY A 30 4.74 -11.03 -17.08
N PHE A 31 3.50 -10.64 -17.39
CA PHE A 31 3.13 -9.32 -17.84
C PHE A 31 3.46 -8.29 -16.77
N LEU A 32 3.99 -7.12 -17.19
CA LEU A 32 4.38 -6.00 -16.32
C LEU A 32 5.59 -6.32 -15.46
N GLY A 33 6.23 -7.45 -15.70
CA GLY A 33 7.32 -7.86 -14.87
C GLY A 33 8.62 -7.13 -15.26
N LEU A 34 9.23 -6.52 -14.26
CA LEU A 34 10.52 -5.88 -14.39
C LEU A 34 11.48 -6.53 -13.40
N VAL A 35 12.65 -6.91 -13.88
CA VAL A 35 13.58 -7.62 -13.03
C VAL A 35 14.95 -7.00 -13.18
N GLY A 36 15.79 -7.32 -12.20
CA GLY A 36 17.20 -6.96 -12.23
C GLY A 36 17.42 -5.44 -12.33
N ASP A 37 18.21 -5.06 -13.34
CA ASP A 37 18.72 -3.71 -13.42
C ASP A 37 17.71 -2.83 -14.16
N ASN A 38 16.63 -3.48 -14.63
CA ASN A 38 15.60 -2.85 -15.44
C ASN A 38 14.38 -2.49 -14.58
N ALA A 39 14.58 -2.38 -13.28
CA ALA A 39 13.49 -1.98 -12.43
C ALA A 39 13.73 -0.57 -11.96
N PRO A 40 12.69 0.17 -11.57
CA PRO A 40 12.86 1.47 -10.92
C PRO A 40 13.71 1.41 -9.65
N ALA A 41 14.02 2.58 -9.07
CA ALA A 41 15.01 2.64 -8.00
C ALA A 41 14.51 1.91 -6.76
N LEU A 42 13.22 2.14 -6.44
CA LEU A 42 12.45 1.42 -5.45
C LEU A 42 11.39 0.57 -6.15
N TYR A 43 11.53 -0.74 -6.05
CA TYR A 43 10.56 -1.66 -6.70
C TYR A 43 10.61 -3.01 -6.04
N PRO A 44 9.47 -3.71 -5.92
CA PRO A 44 9.47 -5.08 -5.40
C PRO A 44 10.39 -5.92 -6.27
N ASN A 45 10.95 -6.95 -5.65
CA ASN A 45 11.78 -7.91 -6.36
C ASN A 45 10.87 -9.05 -6.86
N TYR A 46 10.85 -9.26 -8.17
CA TYR A 46 9.82 -10.06 -8.81
C TYR A 46 9.78 -11.46 -8.20
N TRP A 47 10.94 -12.12 -8.20
CA TRP A 47 11.05 -13.50 -7.80
C TRP A 47 11.33 -13.61 -6.31
N GLY A 48 10.27 -13.45 -5.52
CA GLY A 48 10.32 -13.79 -4.11
C GLY A 48 10.04 -12.61 -3.17
N GLY A 49 9.97 -11.40 -3.72
CA GLY A 49 9.82 -10.24 -2.86
C GLY A 49 10.91 -10.23 -1.79
N ASN A 50 10.50 -9.97 -0.54
CA ASN A 50 11.41 -10.09 0.60
C ASN A 50 11.17 -11.40 1.34
N LYS A 51 10.24 -12.21 0.82
CA LYS A 51 9.84 -13.41 1.51
C LYS A 51 10.84 -14.55 1.25
N PHE A 52 11.25 -14.73 -0.01
CA PHE A 52 12.24 -15.74 -0.33
C PHE A 52 12.92 -15.36 -1.64
N LYS A 53 14.20 -14.99 -1.54
CA LYS A 53 14.89 -14.40 -2.67
C LYS A 53 15.32 -15.54 -3.59
N VAL A 54 14.40 -15.90 -4.47
CA VAL A 54 14.49 -17.16 -5.21
C VAL A 54 15.89 -17.34 -5.79
N ILE A 55 16.39 -16.34 -6.51
CA ILE A 55 17.63 -16.52 -7.27
C ILE A 55 18.83 -16.63 -6.33
N GLU A 56 18.92 -15.70 -5.38
CA GLU A 56 20.06 -15.62 -4.49
C GLU A 56 20.13 -16.86 -3.59
N GLU A 57 18.98 -17.22 -2.97
CA GLU A 57 18.88 -18.34 -2.04
C GLU A 57 19.11 -19.69 -2.72
N LEU A 58 18.45 -19.93 -3.86
CA LEU A 58 18.65 -21.18 -4.59
C LEU A 58 20.13 -21.32 -4.99
N ARG A 59 20.76 -20.20 -5.33
CA ARG A 59 22.17 -20.24 -5.71
C ARG A 59 23.05 -20.58 -4.51
N LYS A 60 22.71 -20.00 -3.35
CA LYS A 60 23.47 -20.25 -2.12
C LYS A 60 23.38 -21.74 -1.77
N GLN A 61 22.23 -22.36 -2.08
CA GLN A 61 22.07 -23.80 -1.86
C GLN A 61 22.71 -24.60 -2.99
N GLY A 62 23.42 -23.93 -3.91
CA GLY A 62 24.22 -24.58 -4.95
C GLY A 62 23.41 -24.97 -6.19
N TYR A 63 22.27 -24.33 -6.43
CA TYR A 63 21.52 -24.57 -7.66
C TYR A 63 21.85 -23.49 -8.68
N ASN A 64 21.89 -23.89 -9.95
CA ASN A 64 22.17 -22.98 -11.05
C ASN A 64 20.84 -22.45 -11.59
N VAL A 65 20.55 -21.18 -11.32
CA VAL A 65 19.27 -20.62 -11.67
C VAL A 65 19.49 -19.21 -12.22
N HIS A 66 18.50 -18.72 -12.97
CA HIS A 66 18.57 -17.43 -13.63
C HIS A 66 17.17 -16.88 -13.79
N GLN A 67 17.08 -15.55 -13.87
CA GLN A 67 15.81 -14.88 -14.10
C GLN A 67 15.92 -14.17 -15.44
N ALA A 68 15.05 -14.54 -16.37
CA ALA A 68 15.07 -13.92 -17.67
C ALA A 68 14.49 -12.53 -17.54
N SER A 69 14.90 -11.69 -18.50
CA SER A 69 14.35 -10.37 -18.67
C SER A 69 13.80 -10.27 -20.09
N VAL A 70 12.49 -10.08 -20.22
CA VAL A 70 11.87 -9.99 -21.53
C VAL A 70 10.80 -8.93 -21.44
N SER A 71 10.26 -8.57 -22.60
CA SER A 71 9.33 -7.47 -22.73
C SER A 71 8.21 -7.62 -21.71
N ALA A 72 7.92 -6.52 -21.01
CA ALA A 72 6.91 -6.48 -19.97
C ALA A 72 5.54 -6.33 -20.61
N PHE A 73 5.48 -5.63 -21.74
CA PHE A 73 4.19 -5.29 -22.32
C PHE A 73 3.99 -5.97 -23.68
N GLY A 74 5.02 -6.60 -24.20
CA GLY A 74 4.95 -7.19 -25.53
C GLY A 74 4.13 -8.47 -25.56
N SER A 75 3.85 -8.89 -26.80
CA SER A 75 3.19 -10.14 -27.12
C SER A 75 4.01 -11.35 -26.65
N ASN A 76 3.36 -12.50 -26.51
CA ASN A 76 4.04 -13.76 -26.24
C ASN A 76 5.01 -14.08 -27.35
N TYR A 77 4.68 -13.65 -28.58
CA TYR A 77 5.59 -13.87 -29.70
C TYR A 77 6.89 -13.13 -29.41
N ASP A 78 6.78 -11.82 -29.17
CA ASP A 78 7.94 -10.95 -28.98
C ASP A 78 8.74 -11.46 -27.78
N ARG A 79 8.02 -11.76 -26.68
CA ARG A 79 8.67 -12.24 -25.47
C ARG A 79 9.38 -13.55 -25.75
N ALA A 80 8.77 -14.44 -26.54
CA ALA A 80 9.31 -15.77 -26.73
C ALA A 80 10.62 -15.69 -27.51
N VAL A 81 10.64 -14.83 -28.53
CA VAL A 81 11.85 -14.54 -29.26
C VAL A 81 12.92 -13.99 -28.31
N GLN A 82 12.54 -13.03 -27.47
CA GLN A 82 13.47 -12.44 -26.52
C GLN A 82 13.99 -13.52 -25.58
N LEU A 83 13.10 -14.38 -25.09
CA LEU A 83 13.53 -15.42 -24.15
C LEU A 83 14.64 -16.23 -24.79
N TYR A 84 14.46 -16.60 -26.06
CA TYR A 84 15.46 -17.40 -26.75
C TYR A 84 16.81 -16.69 -26.73
N TYR A 85 16.81 -15.41 -27.11
CA TYR A 85 18.05 -14.64 -27.19
C TYR A 85 18.60 -14.37 -25.79
N TYR A 86 17.73 -14.27 -24.78
CA TYR A 86 18.19 -14.15 -23.41
C TYR A 86 19.02 -15.36 -23.06
N ILE A 87 18.62 -16.57 -23.49
CA ILE A 87 19.33 -17.78 -23.08
C ILE A 87 20.56 -17.96 -23.97
N LYS A 88 20.35 -17.82 -25.27
CA LYS A 88 21.35 -18.20 -26.26
C LYS A 88 22.37 -17.06 -26.42
N GLY A 89 21.89 -15.82 -26.34
CA GLY A 89 22.69 -14.66 -26.71
C GLY A 89 22.49 -14.28 -28.17
N GLY A 90 22.57 -12.98 -28.45
CA GLY A 90 22.57 -12.47 -29.81
C GLY A 90 21.58 -11.33 -29.97
N ARG A 91 21.48 -10.82 -31.21
CA ARG A 91 20.56 -9.72 -31.51
C ARG A 91 19.16 -10.30 -31.73
N VAL A 92 18.18 -9.86 -30.93
CA VAL A 92 16.81 -10.29 -31.09
C VAL A 92 16.38 -10.08 -32.54
N ASP A 93 15.85 -11.15 -33.16
CA ASP A 93 15.28 -11.09 -34.49
C ASP A 93 13.84 -11.58 -34.44
N TYR A 94 12.87 -10.65 -34.51
CA TYR A 94 11.47 -11.00 -34.40
C TYR A 94 10.99 -11.68 -35.68
N GLY A 95 11.82 -11.70 -36.72
CA GLY A 95 11.44 -12.29 -37.99
C GLY A 95 10.92 -11.25 -38.99
N ALA A 96 11.39 -11.36 -40.23
CA ALA A 96 11.03 -10.41 -41.28
C ALA A 96 9.53 -10.41 -41.55
N ALA A 97 8.90 -11.60 -41.57
CA ALA A 97 7.46 -11.64 -41.88
C ALA A 97 6.63 -11.05 -40.75
N HIS A 98 6.98 -11.38 -39.52
CA HIS A 98 6.31 -10.84 -38.34
C HIS A 98 6.41 -9.31 -38.36
N ALA A 99 7.64 -8.79 -38.54
CA ALA A 99 7.87 -7.34 -38.56
C ALA A 99 6.98 -6.67 -39.61
N ALA A 100 6.96 -7.27 -40.82
CA ALA A 100 6.21 -6.71 -41.93
C ALA A 100 4.71 -6.78 -41.64
N LYS A 101 4.23 -7.91 -41.12
CA LYS A 101 2.81 -8.03 -40.83
C LYS A 101 2.39 -7.03 -39.76
N TYR A 102 3.12 -6.89 -38.66
CA TYR A 102 2.54 -6.12 -37.55
C TYR A 102 2.97 -4.65 -37.54
N GLY A 103 4.11 -4.33 -38.19
CA GLY A 103 4.60 -2.96 -38.35
C GLY A 103 5.52 -2.48 -37.22
N HIS A 104 6.49 -3.33 -36.83
CA HIS A 104 7.42 -3.04 -35.75
C HIS A 104 8.78 -3.46 -36.29
N GLU A 105 9.83 -3.04 -35.62
CA GLU A 105 11.16 -3.34 -36.13
C GLU A 105 11.36 -4.85 -36.17
N ARG A 106 12.15 -5.29 -37.14
CA ARG A 106 12.57 -6.67 -37.18
C ARG A 106 13.56 -7.00 -36.08
N TYR A 107 14.56 -6.15 -35.88
CA TYR A 107 15.64 -6.46 -34.95
C TYR A 107 15.43 -5.67 -33.67
N GLY A 108 15.82 -6.27 -32.55
CA GLY A 108 15.64 -5.67 -31.23
C GLY A 108 16.94 -5.59 -30.43
N LYS A 109 16.84 -5.73 -29.10
CA LYS A 109 18.00 -5.61 -28.25
C LYS A 109 18.94 -6.79 -28.46
N THR A 110 20.18 -6.66 -27.99
CA THR A 110 21.06 -7.80 -28.14
C THR A 110 21.44 -8.26 -26.73
N TYR A 111 21.51 -9.57 -26.53
CA TYR A 111 21.63 -10.11 -25.19
C TYR A 111 22.98 -10.80 -25.09
N LYS A 112 23.57 -10.81 -23.89
CA LYS A 112 24.86 -11.44 -23.70
C LYS A 112 24.67 -12.95 -23.90
N GLY A 113 23.67 -13.50 -23.20
CA GLY A 113 23.42 -14.93 -23.27
C GLY A 113 23.93 -15.68 -22.06
N ILE A 114 22.99 -16.30 -21.36
CA ILE A 114 23.22 -17.03 -20.12
C ILE A 114 23.87 -18.38 -20.45
N MET A 115 23.58 -18.93 -21.64
CA MET A 115 24.07 -20.25 -22.04
C MET A 115 24.46 -20.21 -23.51
N PRO A 116 25.62 -19.65 -23.89
CA PRO A 116 25.94 -19.44 -25.30
C PRO A 116 26.06 -20.72 -26.15
N ASN A 117 26.20 -21.87 -25.48
CA ASN A 117 26.35 -23.17 -26.13
C ASN A 117 25.04 -23.93 -26.24
N TRP A 118 23.94 -23.28 -25.88
CA TRP A 118 22.63 -23.90 -25.91
C TRP A 118 22.35 -24.45 -27.30
N GLU A 119 22.09 -25.75 -27.35
CA GLU A 119 21.85 -26.46 -28.60
C GLU A 119 21.30 -27.84 -28.25
N PRO A 120 20.77 -28.61 -29.22
CA PRO A 120 20.28 -29.97 -28.92
C PRO A 120 21.30 -30.74 -28.09
N GLY A 121 20.86 -31.27 -26.95
CA GLY A 121 21.74 -31.98 -26.04
C GLY A 121 21.99 -31.22 -24.74
N LYS A 122 21.94 -29.89 -24.78
CA LYS A 122 22.16 -29.12 -23.55
C LYS A 122 20.81 -28.53 -23.14
N LYS A 123 20.20 -29.07 -22.09
CA LYS A 123 18.83 -28.73 -21.82
C LYS A 123 18.76 -27.66 -20.73
N VAL A 124 17.55 -27.15 -20.57
CA VAL A 124 17.29 -26.07 -19.64
C VAL A 124 15.92 -26.36 -19.04
N HIS A 125 15.72 -26.08 -17.76
CA HIS A 125 14.39 -26.12 -17.16
C HIS A 125 13.76 -24.74 -17.21
N LEU A 126 12.47 -24.68 -17.57
CA LEU A 126 11.78 -23.40 -17.68
C LEU A 126 10.63 -23.34 -16.70
N VAL A 127 10.68 -22.36 -15.79
CA VAL A 127 9.51 -22.09 -14.97
C VAL A 127 9.04 -20.65 -15.18
N GLY A 128 7.73 -20.51 -15.35
CA GLY A 128 7.10 -19.27 -15.76
C GLY A 128 6.01 -18.89 -14.79
N HIS A 129 5.97 -17.62 -14.41
CA HIS A 129 4.88 -17.12 -13.59
C HIS A 129 3.92 -16.41 -14.53
N SER A 130 2.62 -16.63 -14.32
CA SER A 130 1.62 -15.99 -15.15
C SER A 130 1.98 -16.10 -16.64
N MET A 131 1.97 -14.97 -17.35
CA MET A 131 2.16 -14.95 -18.80
C MET A 131 3.49 -15.59 -19.19
N GLY A 132 4.40 -15.65 -18.23
CA GLY A 132 5.68 -16.28 -18.49
C GLY A 132 5.54 -17.73 -18.91
N GLY A 133 4.49 -18.37 -18.40
CA GLY A 133 4.19 -19.74 -18.78
C GLY A 133 3.79 -19.86 -20.25
N GLN A 134 3.02 -18.88 -20.72
CA GLN A 134 2.69 -18.84 -22.14
C GLN A 134 3.96 -18.61 -22.97
N THR A 135 4.78 -17.67 -22.51
CA THR A 135 5.98 -17.33 -23.26
C THR A 135 6.88 -18.53 -23.44
N ILE A 136 7.01 -19.32 -22.37
CA ILE A 136 7.82 -20.53 -22.41
C ILE A 136 7.30 -21.53 -23.45
N ARG A 137 5.97 -21.77 -23.46
CA ARG A 137 5.38 -22.71 -24.41
C ARG A 137 5.71 -22.27 -25.84
N LEU A 138 5.55 -20.98 -26.15
CA LEU A 138 5.73 -20.53 -27.52
C LEU A 138 7.18 -20.69 -27.93
N MET A 139 8.11 -20.46 -27.00
CA MET A 139 9.51 -20.54 -27.37
C MET A 139 9.81 -21.98 -27.77
N GLU A 140 9.27 -22.96 -27.03
CA GLU A 140 9.58 -24.36 -27.33
C GLU A 140 8.99 -24.74 -28.69
N GLU A 141 7.77 -24.23 -28.96
CA GLU A 141 7.12 -24.37 -30.24
C GLU A 141 8.08 -23.98 -31.36
N PHE A 142 8.67 -22.77 -31.27
CA PHE A 142 9.61 -22.28 -32.25
C PHE A 142 10.79 -23.24 -32.40
N LEU A 143 11.37 -23.64 -31.27
CA LEU A 143 12.51 -24.53 -31.33
C LEU A 143 12.17 -25.79 -32.14
N ARG A 144 11.03 -26.41 -31.84
CA ARG A 144 10.72 -27.74 -32.36
C ARG A 144 10.13 -27.64 -33.78
N ASN A 145 9.20 -26.69 -33.98
CA ASN A 145 8.38 -26.64 -35.18
C ASN A 145 8.64 -25.41 -36.03
N GLY A 146 9.46 -24.49 -35.53
CA GLY A 146 9.76 -23.26 -36.23
C GLY A 146 8.54 -22.36 -36.36
N ASN A 147 8.62 -21.36 -37.23
CA ASN A 147 7.55 -20.40 -37.45
C ASN A 147 7.20 -20.43 -38.93
N LYS A 148 5.95 -20.79 -39.28
CA LYS A 148 5.63 -21.12 -40.67
C LYS A 148 5.77 -19.86 -41.53
N GLU A 149 5.30 -18.72 -41.03
CA GLU A 149 5.29 -17.51 -41.83
C GLU A 149 6.71 -17.07 -42.15
N GLU A 150 7.67 -17.35 -41.25
CA GLU A 150 9.04 -16.95 -41.49
C GLU A 150 9.67 -17.93 -42.46
N ILE A 151 9.40 -19.22 -42.29
CA ILE A 151 9.94 -20.22 -43.19
C ILE A 151 9.49 -19.88 -44.61
N ALA A 152 8.19 -19.57 -44.73
CA ALA A 152 7.53 -19.27 -46.01
C ALA A 152 8.11 -18.01 -46.64
N TYR A 153 8.39 -16.99 -45.82
CA TYR A 153 8.90 -15.71 -46.31
C TYR A 153 10.33 -15.89 -46.81
N HIS A 154 11.16 -16.65 -46.08
CA HIS A 154 12.51 -16.87 -46.54
C HIS A 154 12.50 -17.81 -47.75
N GLN A 155 11.48 -18.67 -47.88
CA GLN A 155 11.37 -19.51 -49.06
C GLN A 155 11.05 -18.62 -50.27
N ALA A 156 10.18 -17.64 -50.13
CA ALA A 156 9.78 -16.81 -51.26
C ALA A 156 10.82 -15.72 -51.57
N HIS A 157 11.39 -15.07 -50.55
CA HIS A 157 12.17 -13.87 -50.81
C HIS A 157 13.66 -14.09 -50.55
N GLY A 158 14.05 -15.28 -50.09
CA GLY A 158 15.44 -15.56 -49.73
C GLY A 158 15.89 -14.80 -48.48
N GLY A 159 17.20 -14.79 -48.23
CA GLY A 159 17.78 -14.06 -47.13
C GLY A 159 18.22 -15.01 -46.02
N GLU A 160 18.43 -14.45 -44.83
CA GLU A 160 18.84 -15.24 -43.69
C GLU A 160 17.63 -15.36 -42.77
N ILE A 161 17.49 -16.54 -42.17
CA ILE A 161 16.40 -16.82 -41.26
C ILE A 161 17.01 -17.26 -39.93
N SER A 162 16.50 -16.67 -38.85
CA SER A 162 16.90 -17.09 -37.52
C SER A 162 16.75 -18.62 -37.39
N PRO A 163 17.74 -19.35 -36.84
CA PRO A 163 17.56 -20.76 -36.51
C PRO A 163 16.37 -21.01 -35.59
N LEU A 164 15.96 -19.99 -34.83
CA LEU A 164 14.82 -20.14 -33.93
C LEU A 164 13.56 -20.46 -34.73
N PHE A 165 13.49 -20.03 -35.99
CA PHE A 165 12.26 -20.14 -36.76
C PHE A 165 12.27 -21.32 -37.74
N THR A 166 13.36 -22.08 -37.73
CA THR A 166 13.63 -23.19 -38.64
C THR A 166 12.88 -24.46 -38.25
N GLY A 167 12.81 -24.74 -36.93
CA GLY A 167 12.32 -26.00 -36.45
C GLY A 167 13.42 -27.06 -36.41
N GLY A 168 13.16 -28.19 -35.73
CA GLY A 168 14.08 -29.30 -35.75
C GLY A 168 15.09 -29.24 -34.61
N HIS A 169 14.92 -28.27 -33.72
CA HIS A 169 15.82 -28.13 -32.59
C HIS A 169 15.13 -28.72 -31.36
N ASN A 170 15.51 -29.95 -31.01
CA ASN A 170 14.88 -30.68 -29.92
C ASN A 170 15.92 -30.93 -28.84
N ASN A 171 15.46 -31.48 -27.71
CA ASN A 171 16.38 -31.92 -26.69
C ASN A 171 17.11 -30.69 -26.13
N MET A 172 16.34 -29.60 -25.99
CA MET A 172 16.85 -28.34 -25.50
C MET A 172 16.07 -27.88 -24.26
N VAL A 173 14.82 -28.33 -24.09
CA VAL A 173 14.13 -28.02 -22.85
C VAL A 173 13.57 -29.28 -22.19
N ALA A 174 14.00 -29.49 -20.94
CA ALA A 174 13.66 -30.62 -20.09
C ALA A 174 12.27 -30.48 -19.48
N SER A 175 11.89 -29.26 -19.11
CA SER A 175 10.67 -29.08 -18.34
C SER A 175 10.05 -27.73 -18.58
N ILE A 176 8.72 -27.71 -18.45
CA ILE A 176 7.94 -26.50 -18.52
C ILE A 176 7.05 -26.54 -17.30
N THR A 177 7.26 -25.62 -16.37
CA THR A 177 6.46 -25.57 -15.17
C THR A 177 5.88 -24.16 -15.03
N THR A 178 4.56 -24.06 -14.82
CA THR A 178 3.85 -22.79 -14.86
C THR A 178 3.18 -22.51 -13.52
N LEU A 179 3.23 -21.25 -13.05
CA LEU A 179 2.65 -20.81 -11.80
C LEU A 179 1.59 -19.75 -12.08
N ALA A 180 0.31 -20.07 -11.80
CA ALA A 180 -0.77 -19.14 -12.04
C ALA A 180 -0.75 -18.61 -13.48
N THR A 181 -0.40 -19.45 -14.44
CA THR A 181 -0.35 -19.02 -15.83
C THR A 181 -1.75 -19.02 -16.39
N PRO A 182 -2.19 -17.97 -17.11
CA PRO A 182 -3.51 -17.94 -17.74
C PRO A 182 -3.54 -18.64 -19.10
N HIS A 183 -3.29 -19.95 -19.07
CA HIS A 183 -3.27 -20.78 -20.26
C HIS A 183 -4.49 -20.55 -21.14
N ASN A 184 -5.65 -20.28 -20.51
CA ASN A 184 -6.88 -20.08 -21.25
C ASN A 184 -7.34 -18.62 -21.17
N GLY A 185 -6.42 -17.73 -20.81
CA GLY A 185 -6.74 -16.30 -20.84
C GLY A 185 -7.45 -15.87 -19.57
N SER A 186 -7.90 -14.62 -19.54
CA SER A 186 -8.57 -14.09 -18.37
C SER A 186 -9.52 -12.98 -18.78
N GLN A 187 -10.65 -12.92 -18.10
CA GLN A 187 -11.68 -11.96 -18.39
C GLN A 187 -11.19 -10.57 -18.00
N ALA A 188 -10.19 -10.55 -17.12
CA ALA A 188 -9.60 -9.29 -16.69
C ALA A 188 -8.97 -8.60 -17.90
N ALA A 189 -8.36 -9.40 -18.78
CA ALA A 189 -7.87 -8.85 -20.04
C ALA A 189 -9.05 -8.47 -20.92
N ASP A 190 -10.01 -9.38 -21.10
CA ASP A 190 -11.11 -9.17 -22.03
C ASP A 190 -11.84 -7.87 -21.68
N LYS A 191 -12.09 -7.63 -20.38
CA LYS A 191 -13.05 -6.60 -19.98
C LYS A 191 -12.36 -5.39 -19.36
N PHE A 192 -11.02 -5.39 -19.30
CA PHE A 192 -10.27 -4.31 -18.67
C PHE A 192 -8.97 -4.09 -19.45
N GLY A 193 -8.03 -5.02 -19.26
CA GLY A 193 -6.69 -4.89 -19.79
C GLY A 193 -6.68 -4.55 -21.28
N ASN A 194 -7.54 -5.17 -22.08
CA ASN A 194 -7.43 -5.06 -23.53
C ASN A 194 -8.45 -4.08 -24.08
N THR A 195 -9.20 -3.38 -23.21
CA THR A 195 -10.10 -2.34 -23.68
C THR A 195 -9.33 -1.15 -24.25
N GLU A 196 -10.01 -0.35 -25.06
CA GLU A 196 -9.41 0.76 -25.77
C GLU A 196 -8.74 1.72 -24.79
N ALA A 197 -9.49 2.15 -23.77
CA ALA A 197 -9.02 3.19 -22.88
C ALA A 197 -7.78 2.72 -22.10
N VAL A 198 -7.72 1.45 -21.66
CA VAL A 198 -6.57 1.12 -20.83
C VAL A 198 -5.38 0.74 -21.69
N ARG A 199 -5.60 0.26 -22.91
CA ARG A 199 -4.49 0.08 -23.82
C ARG A 199 -3.83 1.44 -24.09
N LYS A 200 -4.63 2.49 -24.24
CA LYS A 200 -4.07 3.81 -24.48
C LYS A 200 -3.17 4.20 -23.29
N ILE A 201 -3.65 3.96 -22.07
CA ILE A 201 -2.84 4.24 -20.89
C ILE A 201 -1.54 3.46 -20.94
N MET A 202 -1.58 2.17 -21.24
CA MET A 202 -0.38 1.37 -21.14
C MET A 202 0.61 1.88 -22.18
N PHE A 203 0.08 2.23 -23.34
CA PHE A 203 0.96 2.63 -24.43
C PHE A 203 1.54 4.01 -24.14
N ALA A 204 0.75 4.86 -23.52
CA ALA A 204 1.24 6.17 -23.15
C ALA A 204 2.38 6.03 -22.15
N LEU A 205 2.22 5.11 -21.19
CA LEU A 205 3.28 4.84 -20.23
C LEU A 205 4.53 4.44 -20.98
N ASN A 206 4.36 3.57 -21.98
CA ASN A 206 5.51 3.06 -22.71
C ASN A 206 6.17 4.19 -23.49
N ARG A 207 5.32 5.11 -23.98
CA ARG A 207 5.83 6.22 -24.74
C ARG A 207 6.72 7.05 -23.81
N PHE A 208 6.14 7.43 -22.67
CA PHE A 208 6.83 8.23 -21.69
C PHE A 208 8.13 7.56 -21.30
N MET A 209 8.09 6.27 -20.95
CA MET A 209 9.31 5.65 -20.49
C MET A 209 10.22 5.33 -21.66
N GLY A 210 9.91 5.84 -22.85
CA GLY A 210 10.89 5.77 -23.93
C GLY A 210 11.64 7.10 -24.06
N ASN A 211 11.30 8.07 -23.18
CA ASN A 211 11.90 9.40 -23.24
C ASN A 211 13.41 9.27 -23.03
N LYS A 212 14.16 10.32 -23.37
CA LYS A 212 15.59 10.17 -23.54
C LYS A 212 16.32 10.14 -22.20
N TYR A 213 15.63 10.42 -21.08
CA TYR A 213 16.20 10.33 -19.75
C TYR A 213 15.89 9.00 -19.06
N SER A 214 15.27 8.06 -19.78
CA SER A 214 14.75 6.86 -19.16
C SER A 214 15.81 5.76 -19.13
N ASN A 215 15.84 4.99 -18.04
CA ASN A 215 16.75 3.86 -17.92
C ASN A 215 16.00 2.54 -17.86
N ILE A 216 14.65 2.56 -17.92
CA ILE A 216 13.89 1.32 -17.91
C ILE A 216 13.33 1.09 -19.29
N ASP A 217 13.41 -0.17 -19.70
CA ASP A 217 12.84 -0.68 -20.94
C ASP A 217 11.55 -1.47 -20.64
N LEU A 218 10.40 -0.89 -20.99
CA LEU A 218 9.11 -1.50 -20.74
C LEU A 218 8.72 -2.51 -21.82
N GLY A 219 9.53 -2.64 -22.88
CA GLY A 219 9.42 -3.77 -23.78
C GLY A 219 8.70 -3.51 -25.12
N LEU A 220 8.40 -2.26 -25.48
CA LEU A 220 7.73 -1.94 -26.73
C LEU A 220 8.57 -1.00 -27.61
N THR A 221 9.91 -1.04 -27.48
CA THR A 221 10.74 -0.08 -28.18
C THR A 221 10.79 -0.47 -29.65
N GLN A 222 10.55 -1.75 -29.94
CA GLN A 222 10.48 -2.19 -31.33
C GLN A 222 9.35 -1.45 -32.06
N TRP A 223 8.38 -0.90 -31.32
CA TRP A 223 7.29 -0.15 -31.93
C TRP A 223 7.64 1.31 -32.18
N GLY A 224 8.87 1.70 -31.80
CA GLY A 224 9.37 3.05 -32.00
C GLY A 224 9.33 3.92 -30.74
N PHE A 225 8.93 3.38 -29.59
CA PHE A 225 8.90 4.16 -28.34
C PHE A 225 10.28 4.28 -27.68
N LYS A 226 11.19 4.95 -28.40
CA LYS A 226 12.46 5.37 -27.85
C LYS A 226 12.76 6.71 -28.47
N GLN A 227 12.66 7.79 -27.69
CA GLN A 227 12.96 9.14 -28.14
C GLN A 227 14.43 9.22 -28.48
N LEU A 228 14.76 9.80 -29.65
CA LEU A 228 16.16 9.97 -30.06
C LEU A 228 16.78 11.11 -29.27
N PRO A 229 18.12 11.12 -29.07
CA PRO A 229 18.72 12.06 -28.12
C PRO A 229 18.51 13.52 -28.52
N ASN A 230 18.39 13.80 -29.85
CA ASN A 230 18.21 15.17 -30.33
C ASN A 230 16.80 15.41 -30.86
N GLU A 231 15.81 14.64 -30.42
CA GLU A 231 14.45 14.80 -30.91
C GLU A 231 13.63 15.46 -29.81
N SER A 232 12.79 16.43 -30.16
CA SER A 232 11.90 17.01 -29.16
C SER A 232 10.79 16.00 -28.78
N TYR A 233 10.17 16.21 -27.62
CA TYR A 233 9.14 15.30 -27.15
C TYR A 233 7.91 15.41 -28.05
N ILE A 234 7.61 16.60 -28.54
CA ILE A 234 6.49 16.79 -29.46
C ILE A 234 6.74 16.02 -30.73
N ASP A 235 7.99 15.97 -31.20
CA ASP A 235 8.32 15.30 -32.45
C ASP A 235 8.31 13.80 -32.23
N TYR A 236 8.68 13.40 -31.00
CA TYR A 236 8.61 12.03 -30.55
C TYR A 236 7.16 11.57 -30.60
N ILE A 237 6.29 12.31 -29.90
CA ILE A 237 4.87 12.03 -29.91
C ILE A 237 4.36 11.89 -31.34
N LYS A 238 4.76 12.81 -32.22
CA LYS A 238 4.24 12.80 -33.57
C LYS A 238 4.75 11.56 -34.30
N ARG A 239 6.03 11.20 -34.12
CA ARG A 239 6.58 10.09 -34.88
C ARG A 239 5.84 8.80 -34.51
N VAL A 240 5.46 8.72 -33.25
CA VAL A 240 5.09 7.47 -32.63
C VAL A 240 3.56 7.31 -32.68
N SER A 241 2.84 8.41 -32.93
CA SER A 241 1.40 8.33 -33.16
C SER A 241 1.10 7.59 -34.46
N LYS A 242 2.10 7.44 -35.34
CA LYS A 242 1.95 6.71 -36.59
C LYS A 242 2.26 5.21 -36.40
N SER A 243 2.64 4.78 -35.20
CA SER A 243 2.98 3.38 -34.98
C SER A 243 1.74 2.50 -35.02
N LYS A 244 1.86 1.26 -35.48
CA LYS A 244 0.71 0.36 -35.51
C LYS A 244 0.34 -0.14 -34.11
N ILE A 245 1.18 0.13 -33.10
CA ILE A 245 0.99 -0.40 -31.76
C ILE A 245 -0.41 -0.05 -31.26
N TRP A 246 -0.85 1.18 -31.54
CA TRP A 246 -2.10 1.67 -30.98
C TRP A 246 -3.28 0.79 -31.39
N THR A 247 -3.20 0.15 -32.55
CA THR A 247 -4.30 -0.67 -33.02
C THR A 247 -3.93 -2.15 -33.14
N SER A 248 -2.68 -2.54 -32.85
CA SER A 248 -2.26 -3.91 -33.08
C SER A 248 -2.79 -4.87 -32.02
N ASP A 249 -2.73 -6.17 -32.36
CA ASP A 249 -2.95 -7.30 -31.45
C ASP A 249 -1.62 -7.96 -31.05
N ASP A 250 -0.52 -7.49 -31.64
CA ASP A 250 0.79 -8.00 -31.26
C ASP A 250 1.24 -7.31 -29.97
N ASN A 251 0.54 -7.56 -28.85
CA ASN A 251 0.84 -7.02 -27.53
C ASN A 251 0.27 -7.93 -26.43
N ALA A 252 0.77 -7.79 -25.19
CA ALA A 252 0.38 -8.64 -24.07
C ALA A 252 -1.12 -8.55 -23.77
N ALA A 253 -1.68 -7.36 -23.80
CA ALA A 253 -3.05 -7.20 -23.41
C ALA A 253 -3.94 -8.11 -24.27
N TYR A 254 -3.71 -8.13 -25.57
CA TYR A 254 -4.47 -9.00 -26.47
C TYR A 254 -4.20 -10.48 -26.12
N ASP A 255 -2.94 -10.83 -25.92
CA ASP A 255 -2.56 -12.22 -25.75
C ASP A 255 -3.15 -12.82 -24.47
N LEU A 256 -3.54 -12.01 -23.50
CA LEU A 256 -4.07 -12.52 -22.24
C LEU A 256 -5.60 -12.65 -22.31
N THR A 257 -6.21 -12.17 -23.39
CA THR A 257 -7.63 -12.39 -23.54
C THR A 257 -7.88 -13.87 -23.80
N LEU A 258 -9.17 -14.25 -23.67
CA LEU A 258 -9.61 -15.63 -23.88
C LEU A 258 -9.28 -16.02 -25.30
N ASP A 259 -9.60 -15.16 -26.28
CA ASP A 259 -9.29 -15.46 -27.67
C ASP A 259 -7.79 -15.59 -27.86
N GLY A 260 -7.06 -14.64 -27.28
CA GLY A 260 -5.64 -14.53 -27.53
C GLY A 260 -4.90 -15.74 -27.04
N SER A 261 -5.33 -16.25 -25.89
CA SER A 261 -4.71 -17.42 -25.29
C SER A 261 -5.09 -18.69 -26.05
N ALA A 262 -6.35 -18.73 -26.51
CA ALA A 262 -6.86 -19.87 -27.26
C ALA A 262 -6.01 -20.02 -28.52
N LYS A 263 -5.67 -18.90 -29.18
CA LYS A 263 -4.86 -18.95 -30.38
C LYS A 263 -3.50 -19.59 -30.08
N LEU A 264 -2.92 -19.32 -28.92
CA LEU A 264 -1.63 -19.93 -28.60
C LEU A 264 -1.85 -21.42 -28.36
N ASN A 265 -3.01 -21.75 -27.76
CA ASN A 265 -3.30 -23.13 -27.44
C ASN A 265 -3.44 -23.93 -28.73
N ASN A 266 -4.11 -23.34 -29.72
CA ASN A 266 -4.36 -23.95 -31.01
C ASN A 266 -3.12 -24.11 -31.87
N MET A 267 -2.01 -23.45 -31.50
CA MET A 267 -0.84 -23.56 -32.34
C MET A 267 0.27 -24.26 -31.57
N THR A 268 0.02 -24.69 -30.33
CA THR A 268 1.04 -25.39 -29.57
C THR A 268 0.69 -26.86 -29.47
N SER A 269 1.66 -27.67 -29.07
CA SER A 269 1.46 -29.09 -29.07
C SER A 269 2.34 -29.68 -27.99
N MET A 270 2.04 -30.90 -27.54
CA MET A 270 2.81 -31.52 -26.48
C MET A 270 4.13 -32.06 -27.03
N ASN A 271 5.21 -31.78 -26.31
CA ASN A 271 6.48 -32.40 -26.59
C ASN A 271 6.58 -33.62 -25.68
N PRO A 272 6.58 -34.84 -26.24
CA PRO A 272 6.63 -36.06 -25.42
C PRO A 272 7.86 -36.20 -24.53
N ASN A 273 8.91 -35.42 -24.75
CA ASN A 273 10.08 -35.50 -23.87
C ASN A 273 10.11 -34.45 -22.76
N ILE A 274 9.12 -33.57 -22.69
CA ILE A 274 9.18 -32.49 -21.73
C ILE A 274 8.30 -32.85 -20.52
N THR A 275 8.78 -32.55 -19.32
CA THR A 275 7.96 -32.71 -18.13
C THR A 275 7.19 -31.41 -17.85
N TYR A 276 5.86 -31.53 -17.93
CA TYR A 276 4.95 -30.41 -17.85
C TYR A 276 4.21 -30.44 -16.53
N THR A 277 4.20 -29.30 -15.83
CA THR A 277 3.59 -29.25 -14.51
C THR A 277 3.02 -27.85 -14.26
N THR A 278 1.84 -27.80 -13.61
CA THR A 278 1.18 -26.53 -13.35
C THR A 278 0.79 -26.37 -11.88
N TYR A 279 0.80 -25.13 -11.41
CA TYR A 279 0.33 -24.78 -10.08
C TYR A 279 -0.71 -23.69 -10.21
N THR A 280 -1.68 -23.70 -9.29
CA THR A 280 -2.83 -22.83 -9.40
C THR A 280 -3.20 -22.39 -8.00
N GLY A 281 -3.64 -21.16 -7.89
CA GLY A 281 -4.01 -20.63 -6.60
C GLY A 281 -5.46 -20.21 -6.66
N VAL A 282 -6.15 -20.29 -5.51
CA VAL A 282 -7.44 -19.63 -5.41
C VAL A 282 -7.40 -18.65 -4.23
N SER A 283 -8.06 -17.52 -4.42
CA SER A 283 -8.09 -16.48 -3.41
C SER A 283 -9.44 -15.76 -3.48
N SER A 284 -10.46 -16.46 -3.98
CA SER A 284 -11.82 -15.97 -3.96
C SER A 284 -12.66 -16.91 -3.09
N HIS A 285 -13.88 -16.46 -2.75
CA HIS A 285 -14.81 -17.23 -1.94
C HIS A 285 -16.21 -16.99 -2.49
N THR A 286 -17.08 -18.01 -2.33
CA THR A 286 -18.40 -18.01 -2.95
C THR A 286 -19.33 -17.13 -2.10
N GLY A 287 -20.11 -16.29 -2.77
CA GLY A 287 -20.93 -15.30 -2.10
C GLY A 287 -22.41 -15.65 -2.14
N PRO A 288 -23.30 -14.64 -1.92
CA PRO A 288 -24.72 -14.89 -1.80
C PRO A 288 -25.29 -15.66 -3.00
N LEU A 289 -24.99 -15.20 -4.22
CA LEU A 289 -25.69 -15.63 -5.42
C LEU A 289 -24.87 -16.66 -6.21
N GLY A 290 -23.72 -17.09 -5.67
CA GLY A 290 -22.85 -18.08 -6.31
C GLY A 290 -21.68 -17.46 -7.07
N TYR A 291 -21.60 -16.11 -7.02
CA TYR A 291 -20.50 -15.35 -7.58
C TYR A 291 -19.31 -15.44 -6.63
N GLU A 292 -18.13 -15.09 -7.13
CA GLU A 292 -16.91 -15.19 -6.33
C GLU A 292 -16.39 -13.79 -6.04
N ASN A 293 -15.96 -13.59 -4.79
CA ASN A 293 -15.41 -12.33 -4.36
C ASN A 293 -14.02 -12.58 -3.78
N PRO A 294 -13.13 -11.57 -3.85
CA PRO A 294 -11.76 -11.75 -3.40
C PRO A 294 -11.72 -11.95 -1.90
N ASP A 295 -10.83 -12.83 -1.46
CA ASP A 295 -10.57 -13.00 -0.04
C ASP A 295 -9.87 -11.75 0.49
N LEU A 296 -10.19 -11.37 1.73
CA LEU A 296 -9.26 -10.54 2.48
C LEU A 296 -7.90 -11.21 2.38
N GLY A 297 -6.88 -10.45 1.98
CA GLY A 297 -5.57 -11.05 1.78
C GLY A 297 -5.21 -11.21 0.31
N THR A 298 -6.21 -11.08 -0.58
CA THR A 298 -5.92 -10.87 -1.99
C THR A 298 -5.22 -9.54 -2.13
N PHE A 299 -3.99 -9.52 -2.65
CA PHE A 299 -3.27 -8.28 -2.89
C PHE A 299 -4.21 -7.25 -3.53
N PHE A 300 -4.29 -6.06 -2.92
CA PHE A 300 -5.39 -5.12 -3.13
C PHE A 300 -5.46 -4.66 -4.58
N LEU A 301 -4.33 -4.64 -5.28
CA LEU A 301 -4.34 -4.19 -6.67
C LEU A 301 -5.19 -5.10 -7.58
N MET A 302 -5.50 -6.31 -7.12
CA MET A 302 -6.31 -7.23 -7.92
C MET A 302 -7.77 -7.23 -7.45
N ASP A 303 -8.14 -6.29 -6.60
CA ASP A 303 -9.48 -6.29 -6.06
C ASP A 303 -10.51 -6.24 -7.18
N THR A 304 -10.34 -5.31 -8.12
CA THR A 304 -11.34 -5.04 -9.14
C THR A 304 -11.36 -6.18 -10.16
N THR A 305 -10.19 -6.65 -10.58
CA THR A 305 -10.15 -7.72 -11.55
C THR A 305 -10.78 -8.99 -10.96
N SER A 306 -10.53 -9.28 -9.67
CA SER A 306 -11.11 -10.46 -9.03
C SER A 306 -12.63 -10.39 -9.11
N ARG A 307 -13.22 -9.21 -8.89
CA ARG A 307 -14.67 -9.07 -8.94
C ARG A 307 -15.18 -9.24 -10.37
N ILE A 308 -14.45 -8.74 -11.36
CA ILE A 308 -14.88 -8.91 -12.74
C ILE A 308 -14.96 -10.41 -13.07
N ILE A 309 -13.87 -11.14 -12.81
CA ILE A 309 -13.80 -12.57 -13.07
C ILE A 309 -14.90 -13.29 -12.30
N GLY A 310 -14.99 -13.01 -11.01
CA GLY A 310 -15.84 -13.78 -10.12
C GLY A 310 -17.32 -13.57 -10.40
N HIS A 311 -17.67 -12.52 -11.16
CA HIS A 311 -19.06 -12.26 -11.51
C HIS A 311 -19.36 -12.71 -12.94
N ASP A 312 -18.56 -13.65 -13.46
CA ASP A 312 -18.77 -14.16 -14.82
C ASP A 312 -20.12 -14.87 -14.92
N ALA A 313 -20.72 -14.82 -16.11
CA ALA A 313 -21.92 -15.61 -16.37
C ALA A 313 -21.64 -17.11 -16.21
N ARG A 314 -20.59 -17.67 -16.85
CA ARG A 314 -20.29 -19.10 -16.75
C ARG A 314 -19.66 -19.36 -15.37
N GLU A 315 -20.31 -20.22 -14.59
CA GLU A 315 -19.98 -20.43 -13.19
C GLU A 315 -18.56 -20.98 -13.03
N GLU A 316 -18.14 -21.79 -13.99
CA GLU A 316 -16.87 -22.51 -13.87
C GLU A 316 -15.71 -21.56 -14.20
N TRP A 317 -16.01 -20.33 -14.65
CA TRP A 317 -15.01 -19.30 -14.90
C TRP A 317 -14.84 -18.33 -13.73
N ARG A 318 -15.40 -18.64 -12.55
CA ARG A 318 -15.52 -17.61 -11.52
C ARG A 318 -14.38 -17.64 -10.51
N LYS A 319 -14.05 -18.82 -9.99
CA LYS A 319 -13.01 -18.95 -8.99
C LYS A 319 -11.69 -18.45 -9.58
N ASN A 320 -10.92 -17.73 -8.79
CA ASN A 320 -9.77 -16.99 -9.34
C ASN A 320 -8.74 -16.69 -8.25
N ASP A 321 -7.53 -16.33 -8.71
CA ASP A 321 -6.43 -16.00 -7.83
C ASP A 321 -6.23 -14.50 -7.72
N GLY A 322 -7.25 -13.74 -8.16
CA GLY A 322 -7.14 -12.30 -8.26
C GLY A 322 -7.25 -11.77 -9.69
N VAL A 323 -6.50 -12.38 -10.63
CA VAL A 323 -6.54 -12.02 -12.04
C VAL A 323 -6.61 -13.22 -12.98
N VAL A 324 -6.36 -14.45 -12.51
CA VAL A 324 -6.58 -15.55 -13.43
C VAL A 324 -7.49 -16.61 -12.81
N PRO A 325 -8.55 -16.93 -13.59
CA PRO A 325 -9.53 -17.92 -13.20
C PRO A 325 -8.83 -19.26 -13.08
N VAL A 326 -9.32 -20.11 -12.16
CA VAL A 326 -8.82 -21.45 -11.93
C VAL A 326 -8.80 -22.26 -13.23
N ILE A 327 -9.91 -22.33 -14.00
CA ILE A 327 -9.98 -23.06 -15.28
C ILE A 327 -8.82 -22.63 -16.15
N SER A 328 -8.38 -21.36 -16.06
CA SER A 328 -7.40 -20.87 -17.02
C SER A 328 -5.99 -21.33 -16.62
N SER A 329 -5.78 -21.56 -15.33
CA SER A 329 -4.47 -21.85 -14.79
C SER A 329 -4.18 -23.35 -14.70
N LEU A 330 -5.21 -24.20 -14.54
CA LEU A 330 -4.99 -25.64 -14.36
C LEU A 330 -4.16 -26.20 -15.51
N HIS A 331 -4.61 -25.92 -16.75
CA HIS A 331 -3.97 -26.45 -17.96
C HIS A 331 -4.59 -25.78 -19.18
N PRO A 332 -3.85 -25.64 -20.30
CA PRO A 332 -4.46 -25.26 -21.57
C PRO A 332 -5.65 -26.19 -21.82
N SER A 333 -6.79 -25.66 -22.28
CA SER A 333 -8.04 -26.39 -22.12
C SER A 333 -8.09 -27.58 -23.08
N ASN A 334 -7.40 -27.54 -24.20
CA ASN A 334 -7.60 -28.66 -25.09
C ASN A 334 -6.26 -29.40 -25.19
N GLN A 335 -5.46 -29.38 -24.12
CA GLN A 335 -4.27 -30.20 -24.08
C GLN A 335 -4.45 -31.25 -22.98
N PRO A 336 -3.75 -32.39 -23.10
CA PRO A 336 -3.90 -33.49 -22.13
C PRO A 336 -3.25 -33.16 -20.79
N PHE A 337 -3.94 -33.58 -19.72
CA PHE A 337 -3.50 -33.32 -18.37
C PHE A 337 -3.83 -34.47 -17.46
N VAL A 338 -3.18 -34.51 -16.31
CA VAL A 338 -3.52 -35.46 -15.28
C VAL A 338 -3.41 -34.78 -13.92
N ASN A 339 -4.50 -34.81 -13.14
CA ASN A 339 -4.49 -34.33 -11.78
C ASN A 339 -3.50 -35.14 -10.96
N VAL A 340 -2.59 -34.42 -10.32
CA VAL A 340 -1.51 -35.02 -9.59
C VAL A 340 -1.68 -34.62 -8.13
N THR A 341 -0.97 -35.37 -7.30
CA THR A 341 -0.92 -35.23 -5.87
C THR A 341 0.31 -34.40 -5.54
N ASN A 342 0.28 -33.77 -4.36
CA ASN A 342 1.43 -32.97 -3.98
C ASN A 342 2.59 -33.86 -3.54
N ASN A 343 2.34 -35.12 -3.16
CA ASN A 343 3.38 -35.98 -2.61
C ASN A 343 4.03 -36.83 -3.70
N GLU A 344 3.25 -37.19 -4.72
CA GLU A 344 3.72 -38.14 -5.71
C GLU A 344 4.76 -37.48 -6.62
N PRO A 345 5.78 -38.24 -7.12
CA PRO A 345 6.79 -37.66 -8.00
C PRO A 345 6.10 -37.17 -9.26
N ALA A 346 6.52 -36.01 -9.79
CA ALA A 346 5.81 -35.41 -10.90
C ALA A 346 6.63 -35.57 -12.17
N THR A 347 6.65 -36.79 -12.70
CA THR A 347 7.80 -37.25 -13.46
C THR A 347 7.33 -37.70 -14.86
N ARG A 348 6.01 -37.65 -15.08
CA ARG A 348 5.41 -37.99 -16.37
C ARG A 348 5.78 -36.95 -17.44
N ARG A 349 6.18 -37.43 -18.62
CA ARG A 349 6.43 -36.57 -19.77
C ARG A 349 5.17 -36.44 -20.65
N GLY A 350 5.07 -35.35 -21.41
CA GLY A 350 4.07 -35.24 -22.47
C GLY A 350 2.67 -34.86 -21.99
N ILE A 351 2.52 -34.58 -20.70
CA ILE A 351 1.18 -34.35 -20.19
C ILE A 351 1.27 -33.36 -19.04
N TRP A 352 0.24 -32.47 -18.99
CA TRP A 352 0.16 -31.41 -18.00
C TRP A 352 -0.19 -32.01 -16.63
N GLN A 353 0.81 -32.09 -15.75
CA GLN A 353 0.63 -32.56 -14.39
C GLN A 353 0.08 -31.43 -13.54
N VAL A 354 -1.24 -31.41 -13.28
CA VAL A 354 -1.79 -30.29 -12.55
C VAL A 354 -1.75 -30.53 -11.04
N LYS A 355 -0.90 -29.75 -10.37
CA LYS A 355 -0.74 -29.84 -8.92
C LYS A 355 -2.01 -29.37 -8.23
N PRO A 356 -2.28 -29.81 -6.98
CA PRO A 356 -3.52 -29.43 -6.31
C PRO A 356 -3.51 -27.93 -6.01
N ILE A 357 -4.67 -27.30 -6.24
CA ILE A 357 -4.88 -25.88 -6.03
C ILE A 357 -4.37 -25.47 -4.67
N LEU A 358 -3.59 -24.37 -4.62
CA LEU A 358 -3.09 -23.78 -3.39
C LEU A 358 -4.14 -22.83 -2.83
N GLN A 359 -4.77 -23.26 -1.72
CA GLN A 359 -5.88 -22.56 -1.10
C GLN A 359 -5.32 -21.31 -0.46
N GLY A 360 -5.90 -20.15 -0.81
CA GLY A 360 -5.52 -18.88 -0.21
C GLY A 360 -4.32 -18.20 -0.89
N TRP A 361 -3.72 -18.83 -1.90
CA TRP A 361 -2.66 -18.16 -2.63
C TRP A 361 -3.25 -17.32 -3.75
N ASP A 362 -2.94 -16.03 -3.78
CA ASP A 362 -3.38 -15.21 -4.89
C ASP A 362 -2.26 -15.19 -5.92
N HIS A 363 -2.56 -14.54 -7.04
CA HIS A 363 -1.67 -14.45 -8.19
C HIS A 363 -0.24 -14.10 -7.77
N VAL A 364 -0.09 -13.15 -6.84
CA VAL A 364 1.24 -12.64 -6.55
C VAL A 364 1.85 -13.33 -5.34
N ASP A 365 1.04 -14.05 -4.54
CA ASP A 365 1.64 -14.87 -3.51
C ASP A 365 2.65 -15.87 -4.10
N PHE A 366 2.48 -16.32 -5.34
CA PHE A 366 3.44 -17.26 -5.91
C PHE A 366 4.85 -16.67 -6.00
N ILE A 367 4.95 -15.33 -6.12
CA ILE A 367 6.24 -14.68 -6.25
C ILE A 367 6.60 -13.88 -5.01
N GLY A 368 5.73 -13.89 -3.99
CA GLY A 368 6.11 -13.46 -2.64
C GLY A 368 6.12 -11.94 -2.43
N VAL A 369 5.48 -11.18 -3.32
CA VAL A 369 5.57 -9.74 -3.28
C VAL A 369 4.37 -9.16 -2.54
N ASP A 370 3.48 -10.00 -2.03
CA ASP A 370 2.37 -9.48 -1.23
C ASP A 370 2.87 -9.27 0.20
N PHE A 371 3.49 -8.12 0.47
CA PHE A 371 4.04 -7.85 1.80
C PHE A 371 2.91 -7.58 2.79
N LEU A 372 1.71 -7.27 2.28
CA LEU A 372 0.51 -7.08 3.10
C LEU A 372 0.00 -8.39 3.72
N ASP A 373 0.35 -9.58 3.19
CA ASP A 373 -0.33 -10.82 3.54
C ASP A 373 0.58 -11.69 4.42
N PHE A 374 0.31 -11.69 5.73
CA PHE A 374 1.18 -12.30 6.73
C PHE A 374 0.93 -13.82 6.80
N LYS A 375 -0.26 -14.26 6.36
CA LYS A 375 -0.59 -15.68 6.23
C LYS A 375 0.39 -16.40 5.31
N ARG A 376 0.91 -15.70 4.30
CA ARG A 376 1.82 -16.34 3.34
C ARG A 376 3.26 -16.05 3.73
N LYS A 377 3.93 -17.02 4.35
CA LYS A 377 5.21 -16.74 5.00
C LYS A 377 6.36 -17.19 4.12
N GLY A 378 7.53 -16.60 4.41
CA GLY A 378 8.76 -16.87 3.69
C GLY A 378 9.15 -18.34 3.74
N SER A 379 8.94 -18.97 4.89
CA SER A 379 9.35 -20.37 5.00
C SER A 379 8.48 -21.23 4.09
N GLU A 380 7.20 -20.86 3.96
CA GLU A 380 6.25 -21.50 3.07
C GLU A 380 6.73 -21.35 1.63
N LEU A 381 7.07 -20.11 1.25
CA LEU A 381 7.46 -19.84 -0.11
C LEU A 381 8.78 -20.53 -0.42
N ALA A 382 9.69 -20.58 0.54
CA ALA A 382 10.94 -21.31 0.34
C ALA A 382 10.64 -22.79 0.07
N ASN A 383 9.65 -23.36 0.78
CA ASN A 383 9.29 -24.76 0.59
C ASN A 383 8.73 -24.98 -0.81
N PHE A 384 7.85 -24.06 -1.24
CA PHE A 384 7.27 -24.13 -2.56
C PHE A 384 8.36 -24.18 -3.64
N TYR A 385 9.33 -23.26 -3.57
CA TYR A 385 10.36 -23.18 -4.60
C TYR A 385 11.28 -24.40 -4.49
N ILE A 386 11.59 -24.84 -3.26
CA ILE A 386 12.48 -25.98 -3.10
C ILE A 386 11.74 -27.20 -3.67
N GLY A 387 10.42 -27.23 -3.41
CA GLY A 387 9.49 -28.19 -3.99
C GLY A 387 9.71 -28.34 -5.50
N ILE A 388 9.67 -27.19 -6.19
CA ILE A 388 9.80 -27.18 -7.64
C ILE A 388 11.17 -27.70 -8.05
N ILE A 389 12.23 -27.25 -7.37
CA ILE A 389 13.58 -27.70 -7.69
C ILE A 389 13.69 -29.21 -7.52
N ASN A 390 13.05 -29.77 -6.49
CA ASN A 390 13.15 -31.21 -6.23
C ASN A 390 12.50 -31.97 -7.38
N ASP A 391 11.32 -31.50 -7.79
CA ASP A 391 10.66 -32.05 -8.96
C ASP A 391 11.61 -32.02 -10.16
N LEU A 392 12.37 -30.93 -10.32
CA LEU A 392 13.24 -30.76 -11.48
C LEU A 392 14.44 -31.69 -11.36
N LEU A 393 14.98 -31.82 -10.16
CA LEU A 393 16.00 -32.82 -9.90
C LEU A 393 15.51 -34.21 -10.30
N SER A 394 14.25 -34.53 -9.96
CA SER A 394 13.63 -35.81 -10.28
C SER A 394 13.61 -36.04 -11.79
N VAL A 395 13.21 -35.00 -12.52
CA VAL A 395 13.13 -35.06 -13.97
C VAL A 395 14.50 -35.43 -14.51
N GLU A 396 15.55 -34.80 -13.95
CA GLU A 396 16.92 -35.06 -14.39
C GLU A 396 17.28 -36.53 -14.15
N ALA A 397 16.80 -37.07 -13.02
CA ALA A 397 17.23 -38.38 -12.55
C ALA A 397 16.43 -39.48 -13.26
N THR A 398 15.26 -39.14 -13.80
CA THR A 398 14.48 -40.16 -14.48
C THR A 398 14.65 -40.03 -16.00
N GLU A 399 15.81 -39.58 -16.48
CA GLU A 399 16.06 -39.61 -17.91
C GLU A 399 16.82 -40.90 -18.25
N GLN B 18 -31.56 26.83 13.18
CA GLN B 18 -31.25 26.18 11.88
C GLN B 18 -30.56 24.83 12.10
N PRO B 19 -29.39 24.74 12.79
CA PRO B 19 -28.76 23.44 13.04
C PRO B 19 -29.41 22.59 14.14
N LEU B 20 -29.50 21.28 13.88
CA LEU B 20 -30.14 20.35 14.81
C LEU B 20 -29.33 20.28 16.11
N ASN B 21 -28.05 20.67 16.08
CA ASN B 21 -27.24 20.73 17.28
C ASN B 21 -27.04 22.19 17.67
N LYS B 22 -27.27 22.49 18.96
CA LYS B 22 -27.21 23.84 19.49
C LYS B 22 -25.75 24.27 19.62
N TYR B 23 -24.89 23.33 19.99
CA TYR B 23 -23.49 23.60 20.20
C TYR B 23 -22.69 23.01 19.04
N PRO B 24 -21.83 23.80 18.35
CA PRO B 24 -21.08 23.28 17.22
C PRO B 24 -20.17 22.14 17.65
N VAL B 25 -19.97 21.20 16.72
CA VAL B 25 -19.09 20.07 16.97
C VAL B 25 -17.77 20.31 16.27
N VAL B 26 -16.67 20.21 17.02
CA VAL B 26 -15.33 20.39 16.49
C VAL B 26 -14.57 19.07 16.57
N PHE B 27 -14.19 18.58 15.39
CA PHE B 27 -13.40 17.37 15.28
C PHE B 27 -11.92 17.72 15.22
N VAL B 28 -11.11 17.03 16.02
CA VAL B 28 -9.71 17.41 16.19
C VAL B 28 -8.83 16.22 15.85
N HIS B 29 -8.05 16.38 14.77
CA HIS B 29 -7.21 15.31 14.26
C HIS B 29 -6.04 15.07 15.21
N GLY B 30 -5.37 13.94 15.04
CA GLY B 30 -4.25 13.56 15.89
C GLY B 30 -2.90 13.94 15.29
N PHE B 31 -1.87 13.23 15.73
CA PHE B 31 -0.52 13.33 15.22
C PHE B 31 -0.45 12.98 13.74
N LEU B 32 0.32 13.79 12.99
CA LEU B 32 0.52 13.67 11.54
C LEU B 32 -0.73 14.00 10.76
N GLY B 33 -1.75 14.51 11.43
CA GLY B 33 -2.98 14.78 10.73
C GLY B 33 -2.90 16.08 9.95
N LEU B 34 -3.25 15.99 8.66
CA LEU B 34 -3.35 17.14 7.78
C LEU B 34 -4.76 17.16 7.20
N VAL B 35 -5.38 18.34 7.21
CA VAL B 35 -6.76 18.47 6.81
C VAL B 35 -6.94 19.71 5.95
N GLY B 36 -8.00 19.67 5.13
CA GLY B 36 -8.45 20.82 4.36
C GLY B 36 -7.40 21.24 3.33
N ASP B 37 -7.01 22.52 3.39
CA ASP B 37 -6.22 23.13 2.35
C ASP B 37 -4.73 22.80 2.57
N ASN B 38 -4.48 22.13 3.69
CA ASN B 38 -3.14 21.88 4.18
C ASN B 38 -2.72 20.44 3.91
N ALA B 39 -3.35 19.78 2.96
CA ALA B 39 -2.96 18.42 2.65
C ALA B 39 -2.34 18.39 1.26
N PRO B 40 -1.44 17.44 0.97
CA PRO B 40 -0.88 17.27 -0.37
C PRO B 40 -1.93 17.04 -1.45
N ALA B 41 -1.48 17.00 -2.71
CA ALA B 41 -2.37 16.97 -3.85
C ALA B 41 -3.24 15.70 -3.84
N LEU B 42 -2.56 14.56 -3.63
CA LEU B 42 -3.14 13.25 -3.44
C LEU B 42 -2.97 12.87 -1.97
N TYR B 43 -4.09 12.72 -1.24
CA TYR B 43 -4.00 12.50 0.19
C TYR B 43 -5.36 12.03 0.69
N PRO B 44 -5.41 11.04 1.60
CA PRO B 44 -6.66 10.61 2.19
C PRO B 44 -7.29 11.81 2.88
N ASN B 45 -8.62 11.83 2.92
CA ASN B 45 -9.36 12.80 3.71
C ASN B 45 -9.47 12.26 5.14
N TYR B 46 -8.97 13.04 6.11
CA TYR B 46 -8.70 12.55 7.45
C TYR B 46 -9.98 12.03 8.07
N TRP B 47 -11.04 12.85 8.00
CA TRP B 47 -12.29 12.55 8.68
C TRP B 47 -13.23 11.80 7.75
N GLY B 48 -12.97 10.48 7.66
CA GLY B 48 -13.87 9.54 7.00
C GLY B 48 -13.28 8.90 5.74
N GLY B 49 -12.13 9.35 5.28
CA GLY B 49 -11.57 8.77 4.07
C GLY B 49 -12.57 8.87 2.91
N ASN B 50 -12.72 7.77 2.16
CA ASN B 50 -13.77 7.70 1.14
C ASN B 50 -14.99 6.97 1.67
N LYS B 51 -14.90 6.52 2.92
CA LYS B 51 -15.93 5.66 3.49
C LYS B 51 -17.11 6.49 3.98
N PHE B 52 -16.86 7.58 4.70
CA PHE B 52 -17.94 8.45 5.13
C PHE B 52 -17.41 9.85 5.38
N LYS B 53 -17.83 10.78 4.54
CA LYS B 53 -17.29 12.13 4.56
C LYS B 53 -17.86 12.87 5.76
N VAL B 54 -17.25 12.70 6.92
CA VAL B 54 -17.87 13.11 8.18
C VAL B 54 -18.42 14.53 8.08
N ILE B 55 -17.61 15.47 7.59
CA ILE B 55 -17.97 16.87 7.68
C ILE B 55 -19.09 17.19 6.69
N GLU B 56 -18.92 16.75 5.44
CA GLU B 56 -19.88 17.01 4.38
C GLU B 56 -21.24 16.36 4.70
N GLU B 57 -21.22 15.07 5.07
CA GLU B 57 -22.43 14.28 5.28
C GLU B 57 -23.18 14.75 6.52
N LEU B 58 -22.48 14.95 7.63
CA LEU B 58 -23.14 15.43 8.84
C LEU B 58 -23.78 16.79 8.58
N ARG B 59 -23.14 17.62 7.74
CA ARG B 59 -23.66 18.94 7.42
C ARG B 59 -24.93 18.78 6.59
N LYS B 60 -24.89 17.87 5.60
CA LYS B 60 -26.03 17.63 4.73
C LYS B 60 -27.23 17.22 5.58
N GLN B 61 -26.99 16.46 6.64
CA GLN B 61 -28.05 16.06 7.55
C GLN B 61 -28.40 17.20 8.51
N GLY B 62 -27.84 18.39 8.29
CA GLY B 62 -28.24 19.58 9.03
C GLY B 62 -27.53 19.75 10.38
N TYR B 63 -26.36 19.12 10.55
CA TYR B 63 -25.57 19.34 11.75
C TYR B 63 -24.47 20.37 11.48
N ASN B 64 -24.16 21.15 12.51
CA ASN B 64 -23.09 22.14 12.44
C ASN B 64 -21.78 21.53 12.96
N VAL B 65 -20.85 21.25 12.05
CA VAL B 65 -19.65 20.52 12.40
C VAL B 65 -18.48 21.18 11.69
N HIS B 66 -17.27 20.96 12.24
CA HIS B 66 -16.07 21.59 11.75
C HIS B 66 -14.88 20.68 12.05
N GLN B 67 -13.85 20.78 11.20
CA GLN B 67 -12.60 20.06 11.42
C GLN B 67 -11.50 21.09 11.73
N ALA B 68 -10.93 20.99 12.94
CA ALA B 68 -9.85 21.88 13.30
C ALA B 68 -8.63 21.51 12.51
N SER B 69 -7.79 22.52 12.28
CA SER B 69 -6.45 22.33 11.73
C SER B 69 -5.43 22.80 12.76
N VAL B 70 -4.62 21.90 13.30
CA VAL B 70 -3.61 22.29 14.25
C VAL B 70 -2.34 21.49 13.94
N SER B 71 -1.25 21.87 14.64
CA SER B 71 0.08 21.36 14.35
C SER B 71 0.06 19.84 14.28
N ALA B 72 0.62 19.30 13.20
CA ALA B 72 0.65 17.87 13.03
C ALA B 72 1.76 17.23 13.86
N PHE B 73 2.84 17.97 14.14
CA PHE B 73 3.99 17.35 14.79
C PHE B 73 4.27 17.98 16.14
N GLY B 74 3.53 19.06 16.45
CA GLY B 74 3.74 19.82 17.67
C GLY B 74 3.26 19.10 18.92
N SER B 75 3.68 19.66 20.05
CA SER B 75 3.28 19.22 21.37
C SER B 75 1.77 19.40 21.56
N ASN B 76 1.23 18.71 22.58
CA ASN B 76 -0.14 18.92 23.00
C ASN B 76 -0.33 20.37 23.42
N TYR B 77 0.69 20.96 24.07
CA TYR B 77 0.60 22.35 24.47
C TYR B 77 0.35 23.21 23.23
N ASP B 78 1.25 23.10 22.25
CA ASP B 78 1.21 23.96 21.08
C ASP B 78 -0.12 23.76 20.36
N ARG B 79 -0.52 22.48 20.20
CA ARG B 79 -1.76 22.13 19.52
C ARG B 79 -2.96 22.68 20.29
N ALA B 80 -2.89 22.60 21.62
CA ALA B 80 -3.99 23.05 22.45
C ALA B 80 -4.22 24.56 22.28
N VAL B 81 -3.13 25.32 22.24
CA VAL B 81 -3.20 26.75 22.00
C VAL B 81 -3.80 27.00 20.61
N GLN B 82 -3.30 26.26 19.62
CA GLN B 82 -3.77 26.43 18.25
C GLN B 82 -5.27 26.12 18.19
N LEU B 83 -5.70 25.04 18.86
CA LEU B 83 -7.11 24.68 18.88
C LEU B 83 -7.95 25.87 19.32
N TYR B 84 -7.52 26.50 20.42
CA TYR B 84 -8.24 27.63 20.98
C TYR B 84 -8.43 28.70 19.91
N TYR B 85 -7.33 29.05 19.23
CA TYR B 85 -7.37 30.13 18.26
C TYR B 85 -8.12 29.70 17.00
N TYR B 86 -8.08 28.40 16.70
CA TYR B 86 -8.87 27.86 15.60
C TYR B 86 -10.34 28.19 15.84
N ILE B 87 -10.81 28.00 17.09
CA ILE B 87 -12.21 28.18 17.41
C ILE B 87 -12.50 29.67 17.55
N LYS B 88 -11.67 30.37 18.34
CA LYS B 88 -11.91 31.75 18.75
C LYS B 88 -11.56 32.73 17.63
N GLY B 89 -10.50 32.47 16.88
CA GLY B 89 -9.96 33.44 15.94
C GLY B 89 -8.86 34.28 16.62
N GLY B 90 -7.86 34.70 15.82
CA GLY B 90 -6.78 35.53 16.32
C GLY B 90 -5.40 34.90 16.15
N ARG B 91 -4.39 35.64 16.63
CA ARG B 91 -3.00 35.28 16.43
C ARG B 91 -2.62 34.33 17.54
N VAL B 92 -2.18 33.13 17.15
CA VAL B 92 -1.73 32.15 18.11
C VAL B 92 -0.69 32.78 19.03
N ASP B 93 -0.89 32.64 20.34
CA ASP B 93 0.06 33.06 21.34
C ASP B 93 0.36 31.88 22.25
N TYR B 94 1.56 31.31 22.12
CA TYR B 94 1.93 30.14 22.90
C TYR B 94 2.24 30.53 24.34
N GLY B 95 2.27 31.84 24.62
CA GLY B 95 2.63 32.34 25.94
C GLY B 95 4.12 32.65 26.05
N ALA B 96 4.43 33.81 26.66
CA ALA B 96 5.80 34.30 26.75
C ALA B 96 6.70 33.34 27.53
N ALA B 97 6.20 32.79 28.66
CA ALA B 97 7.04 31.93 29.49
C ALA B 97 7.33 30.63 28.76
N HIS B 98 6.30 30.10 28.09
CA HIS B 98 6.43 28.87 27.32
C HIS B 98 7.52 29.06 26.26
N ALA B 99 7.30 30.07 25.38
CA ALA B 99 8.27 30.40 24.34
C ALA B 99 9.70 30.46 24.89
N ALA B 100 9.88 31.19 26.01
CA ALA B 100 11.19 31.38 26.60
C ALA B 100 11.75 30.06 27.13
N LYS B 101 10.90 29.26 27.80
CA LYS B 101 11.38 28.01 28.37
C LYS B 101 11.76 27.02 27.27
N TYR B 102 10.99 26.93 26.19
CA TYR B 102 11.26 25.86 25.23
C TYR B 102 12.15 26.32 24.08
N GLY B 103 12.09 27.62 23.72
CA GLY B 103 13.01 28.23 22.76
C GLY B 103 12.43 28.27 21.35
N HIS B 104 11.16 28.67 21.26
CA HIS B 104 10.41 28.72 20.01
C HIS B 104 9.69 30.06 20.02
N GLU B 105 9.20 30.49 18.86
CA GLU B 105 8.52 31.78 18.77
C GLU B 105 7.32 31.81 19.71
N ARG B 106 7.00 32.99 20.24
CA ARG B 106 5.83 33.14 21.09
C ARG B 106 4.57 33.16 20.24
N TYR B 107 4.60 33.86 19.12
CA TYR B 107 3.42 34.06 18.30
C TYR B 107 3.50 33.13 17.08
N GLY B 108 2.34 32.66 16.63
CA GLY B 108 2.22 31.74 15.51
C GLY B 108 1.26 32.27 14.45
N LYS B 109 0.59 31.36 13.73
CA LYS B 109 -0.29 31.74 12.64
C LYS B 109 -1.48 32.49 13.21
N THR B 110 -2.26 33.12 12.34
CA THR B 110 -3.48 33.71 12.88
C THR B 110 -4.68 33.04 12.20
N TYR B 111 -5.74 32.79 12.97
CA TYR B 111 -6.87 32.00 12.47
C TYR B 111 -8.06 32.92 12.26
N LYS B 112 -8.89 32.63 11.26
CA LYS B 112 -10.09 33.41 10.98
C LYS B 112 -11.04 33.31 12.19
N GLY B 113 -11.31 32.10 12.68
CA GLY B 113 -12.21 31.90 13.79
C GLY B 113 -13.51 31.27 13.34
N ILE B 114 -13.81 30.11 13.90
CA ILE B 114 -15.01 29.36 13.56
C ILE B 114 -16.17 29.92 14.40
N MET B 115 -15.84 30.41 15.60
CA MET B 115 -16.83 30.88 16.56
C MET B 115 -16.29 32.13 17.24
N PRO B 116 -16.32 33.32 16.60
CA PRO B 116 -15.68 34.51 17.16
C PRO B 116 -16.21 34.92 18.55
N ASN B 117 -17.44 34.49 18.89
CA ASN B 117 -18.12 34.92 20.10
C ASN B 117 -18.02 33.89 21.21
N TRP B 118 -17.16 32.90 21.01
CA TRP B 118 -16.95 31.85 22.00
C TRP B 118 -16.59 32.47 23.34
N GLU B 119 -17.39 32.17 24.37
CA GLU B 119 -17.22 32.69 25.72
C GLU B 119 -18.04 31.81 26.66
N PRO B 120 -17.88 31.91 28.01
CA PRO B 120 -18.73 31.16 28.93
C PRO B 120 -20.19 31.32 28.54
N GLY B 121 -20.89 30.20 28.32
CA GLY B 121 -22.28 30.25 27.94
C GLY B 121 -22.52 29.87 26.48
N LYS B 122 -21.55 30.09 25.59
CA LYS B 122 -21.66 29.57 24.23
C LYS B 122 -20.75 28.35 24.14
N LYS B 123 -21.32 27.14 24.11
CA LYS B 123 -20.50 25.97 24.31
C LYS B 123 -20.20 25.32 22.95
N VAL B 124 -19.29 24.36 23.01
CA VAL B 124 -18.85 23.66 21.82
C VAL B 124 -18.64 22.19 22.22
N HIS B 125 -18.96 21.25 21.31
CA HIS B 125 -18.63 19.84 21.50
C HIS B 125 -17.29 19.54 20.85
N LEU B 126 -16.43 18.81 21.56
CA LEU B 126 -15.10 18.50 21.08
C LEU B 126 -14.94 16.99 20.94
N VAL B 127 -14.68 16.53 19.72
CA VAL B 127 -14.30 15.15 19.54
C VAL B 127 -12.92 15.06 18.89
N GLY B 128 -12.09 14.23 19.51
CA GLY B 128 -10.70 14.11 19.14
C GLY B 128 -10.37 12.69 18.72
N HIS B 129 -9.65 12.51 17.60
CA HIS B 129 -9.11 11.22 17.25
C HIS B 129 -7.66 11.15 17.75
N SER B 130 -7.30 10.02 18.38
CA SER B 130 -5.96 9.81 18.83
C SER B 130 -5.51 11.02 19.66
N MET B 131 -4.36 11.59 19.32
CA MET B 131 -3.72 12.66 20.07
C MET B 131 -4.67 13.87 20.17
N GLY B 132 -5.61 13.94 19.24
CA GLY B 132 -6.60 15.01 19.28
C GLY B 132 -7.34 15.03 20.61
N GLY B 133 -7.48 13.84 21.21
CA GLY B 133 -8.16 13.72 22.49
C GLY B 133 -7.36 14.35 23.62
N GLN B 134 -6.04 14.19 23.57
CA GLN B 134 -5.16 14.81 24.54
C GLN B 134 -5.20 16.31 24.36
N THR B 135 -5.15 16.74 23.09
CA THR B 135 -5.12 18.16 22.79
C THR B 135 -6.35 18.82 23.39
N ILE B 136 -7.50 18.15 23.29
CA ILE B 136 -8.76 18.72 23.73
C ILE B 136 -8.74 18.86 25.24
N ARG B 137 -8.25 17.84 25.93
CA ARG B 137 -8.18 17.91 27.39
C ARG B 137 -7.34 19.12 27.83
N LEU B 138 -6.16 19.31 27.24
CA LEU B 138 -5.26 20.36 27.68
C LEU B 138 -5.88 21.73 27.43
N MET B 139 -6.56 21.90 26.29
CA MET B 139 -7.16 23.18 26.00
C MET B 139 -8.17 23.54 27.08
N GLU B 140 -8.98 22.56 27.47
CA GLU B 140 -10.05 22.83 28.43
C GLU B 140 -9.44 23.19 29.78
N GLU B 141 -8.36 22.48 30.15
CA GLU B 141 -7.59 22.77 31.35
C GLU B 141 -7.23 24.25 31.40
N PHE B 142 -6.66 24.76 30.31
CA PHE B 142 -6.26 26.16 30.23
C PHE B 142 -7.46 27.08 30.39
N LEU B 143 -8.56 26.77 29.72
CA LEU B 143 -9.74 27.60 29.85
C LEU B 143 -10.14 27.70 31.34
N ARG B 144 -10.16 26.55 32.03
CA ARG B 144 -10.76 26.48 33.36
C ARG B 144 -9.78 26.97 34.41
N ASN B 145 -8.52 26.55 34.34
CA ASN B 145 -7.53 26.75 35.39
C ASN B 145 -6.35 27.61 34.95
N GLY B 146 -6.36 28.05 33.69
CA GLY B 146 -5.29 28.86 33.14
C GLY B 146 -3.94 28.14 33.15
N ASN B 147 -2.87 28.91 32.91
CA ASN B 147 -1.51 28.41 32.94
C ASN B 147 -0.75 29.17 34.03
N LYS B 148 -0.26 28.45 35.05
CA LYS B 148 0.37 29.09 36.21
C LYS B 148 1.64 29.85 35.79
N GLU B 149 2.46 29.22 34.93
CA GLU B 149 3.72 29.83 34.50
C GLU B 149 3.44 31.15 33.79
N GLU B 150 2.34 31.23 33.03
CA GLU B 150 2.09 32.43 32.25
C GLU B 150 1.52 33.51 33.18
N ILE B 151 0.65 33.11 34.11
CA ILE B 151 0.09 34.04 35.08
C ILE B 151 1.24 34.69 35.84
N ALA B 152 2.17 33.85 36.34
CA ALA B 152 3.32 34.26 37.13
C ALA B 152 4.27 35.18 36.35
N TYR B 153 4.50 34.86 35.05
CA TYR B 153 5.43 35.61 34.22
C TYR B 153 4.83 36.97 33.90
N HIS B 154 3.54 37.04 33.58
CA HIS B 154 2.93 38.33 33.28
C HIS B 154 2.77 39.15 34.57
N GLN B 155 2.67 38.46 35.73
CA GLN B 155 2.69 39.15 37.02
C GLN B 155 4.01 39.90 37.16
N ALA B 156 5.12 39.19 36.94
CA ALA B 156 6.46 39.72 37.21
C ALA B 156 6.92 40.71 36.14
N HIS B 157 6.66 40.41 34.85
CA HIS B 157 7.29 41.16 33.77
C HIS B 157 6.28 42.05 33.03
N GLY B 158 5.00 42.03 33.42
CA GLY B 158 3.98 42.87 32.82
C GLY B 158 3.62 42.48 31.37
N GLY B 159 2.86 43.34 30.67
CA GLY B 159 2.48 43.12 29.28
C GLY B 159 1.06 42.56 29.14
N GLU B 160 0.78 41.88 28.01
CA GLU B 160 -0.53 41.32 27.75
C GLU B 160 -0.48 39.81 27.94
N ILE B 161 -1.62 39.21 28.30
CA ILE B 161 -1.69 37.76 28.48
C ILE B 161 -2.90 37.22 27.71
N SER B 162 -2.70 36.11 27.00
CA SER B 162 -3.77 35.43 26.29
C SER B 162 -4.89 35.09 27.27
N PRO B 163 -6.18 35.37 26.94
CA PRO B 163 -7.29 34.90 27.75
C PRO B 163 -7.26 33.38 28.00
N LEU B 164 -6.65 32.63 27.08
CA LEU B 164 -6.54 31.19 27.24
C LEU B 164 -5.78 30.83 28.51
N PHE B 165 -4.88 31.68 28.99
CA PHE B 165 -4.02 31.30 30.10
C PHE B 165 -4.48 31.89 31.43
N THR B 166 -5.56 32.71 31.38
CA THR B 166 -6.11 33.44 32.51
C THR B 166 -6.77 32.49 33.53
N GLY B 167 -7.54 31.51 33.05
CA GLY B 167 -8.35 30.68 33.94
C GLY B 167 -9.69 31.35 34.21
N GLY B 168 -10.61 30.58 34.84
CA GLY B 168 -11.93 31.06 35.24
C GLY B 168 -12.93 31.10 34.09
N HIS B 169 -12.57 30.55 32.92
CA HIS B 169 -13.48 30.44 31.82
C HIS B 169 -14.14 29.07 31.89
N ASN B 170 -15.39 29.04 32.36
CA ASN B 170 -16.11 27.79 32.53
C ASN B 170 -17.28 27.78 31.55
N ASN B 171 -17.95 26.62 31.41
CA ASN B 171 -19.19 26.57 30.66
C ASN B 171 -18.91 26.94 29.19
N MET B 172 -17.82 26.40 28.65
CA MET B 172 -17.43 26.71 27.28
C MET B 172 -17.33 25.42 26.44
N VAL B 173 -17.09 24.31 27.12
CA VAL B 173 -17.10 23.06 26.38
C VAL B 173 -18.07 22.08 27.04
N ALA B 174 -19.05 21.65 26.23
CA ALA B 174 -20.13 20.74 26.62
C ALA B 174 -19.63 19.30 26.77
N SER B 175 -18.78 18.85 25.83
CA SER B 175 -18.43 17.45 25.79
C SER B 175 -17.01 17.24 25.27
N ILE B 176 -16.36 16.21 25.80
CA ILE B 176 -15.07 15.78 25.34
C ILE B 176 -15.23 14.31 25.00
N THR B 177 -15.13 13.98 23.72
CA THR B 177 -15.26 12.60 23.31
C THR B 177 -14.01 12.20 22.51
N THR B 178 -13.37 11.11 22.94
CA THR B 178 -12.10 10.71 22.35
C THR B 178 -12.20 9.38 21.61
N LEU B 179 -11.53 9.27 20.46
CA LEU B 179 -11.51 8.06 19.64
C LEU B 179 -10.08 7.54 19.55
N ALA B 180 -9.82 6.36 20.13
CA ALA B 180 -8.50 5.75 20.07
C ALA B 180 -7.43 6.71 20.57
N THR B 181 -7.76 7.52 21.58
CA THR B 181 -6.83 8.46 22.17
C THR B 181 -5.87 7.74 23.11
N PRO B 182 -4.54 7.95 23.01
CA PRO B 182 -3.58 7.33 23.91
C PRO B 182 -3.43 8.06 25.23
N HIS B 183 -4.51 8.09 26.02
CA HIS B 183 -4.54 8.82 27.28
C HIS B 183 -3.33 8.48 28.15
N ASN B 184 -2.88 7.22 28.09
CA ASN B 184 -1.75 6.77 28.91
C ASN B 184 -0.53 6.52 28.03
N GLY B 185 -0.53 7.09 26.82
CA GLY B 185 0.64 7.05 25.98
C GLY B 185 0.75 5.73 25.23
N SER B 186 1.86 5.51 24.54
CA SER B 186 2.04 4.29 23.77
C SER B 186 3.51 3.91 23.67
N GLN B 187 3.78 2.62 23.69
CA GLN B 187 5.12 2.11 23.64
C GLN B 187 5.70 2.38 22.26
N ALA B 188 4.82 2.59 21.29
CA ALA B 188 5.24 2.89 19.94
C ALA B 188 6.00 4.20 19.93
N ALA B 189 5.52 5.17 20.71
CA ALA B 189 6.29 6.40 20.93
C ALA B 189 7.58 6.08 21.68
N ASP B 190 7.45 5.38 22.82
CA ASP B 190 8.60 5.14 23.68
C ASP B 190 9.71 4.46 22.87
N LYS B 191 9.39 3.46 22.03
CA LYS B 191 10.44 2.60 21.50
C LYS B 191 10.70 2.85 20.02
N PHE B 192 10.05 3.87 19.44
CA PHE B 192 10.17 4.15 18.02
C PHE B 192 10.06 5.67 17.81
N GLY B 193 8.84 6.17 17.93
CA GLY B 193 8.49 7.54 17.63
C GLY B 193 9.41 8.56 18.29
N ASN B 194 9.78 8.30 19.55
CA ASN B 194 10.49 9.32 20.30
C ASN B 194 11.99 9.04 20.37
N THR B 195 12.48 7.99 19.71
CA THR B 195 13.90 7.71 19.68
C THR B 195 14.63 8.81 18.90
N GLU B 196 15.94 8.91 19.13
CA GLU B 196 16.78 9.97 18.60
C GLU B 196 16.69 9.97 17.07
N ALA B 197 16.95 8.81 16.49
CA ALA B 197 17.05 8.71 15.05
C ALA B 197 15.72 9.08 14.36
N VAL B 198 14.58 8.69 14.92
CA VAL B 198 13.38 8.95 14.13
C VAL B 198 12.87 10.36 14.41
N ARG B 199 13.18 10.93 15.58
CA ARG B 199 12.86 12.33 15.79
C ARG B 199 13.63 13.19 14.77
N LYS B 200 14.90 12.83 14.52
CA LYS B 200 15.67 13.54 13.52
C LYS B 200 14.96 13.46 12.16
N ILE B 201 14.48 12.28 11.79
CA ILE B 201 13.78 12.14 10.51
C ILE B 201 12.56 13.04 10.47
N MET B 202 11.73 13.03 11.51
CA MET B 202 10.53 13.85 11.53
C MET B 202 10.94 15.32 11.35
N PHE B 203 12.03 15.71 12.01
CA PHE B 203 12.36 17.13 12.05
C PHE B 203 12.93 17.52 10.69
N ALA B 204 13.64 16.59 10.07
CA ALA B 204 14.16 16.85 8.74
C ALA B 204 13.00 17.03 7.77
N LEU B 205 11.99 16.20 7.91
CA LEU B 205 10.80 16.31 7.07
C LEU B 205 10.24 17.73 7.24
N ASN B 206 10.12 18.17 8.49
CA ASN B 206 9.51 19.47 8.74
C ASN B 206 10.39 20.58 8.18
N ARG B 207 11.71 20.36 8.22
CA ARG B 207 12.62 21.34 7.69
C ARG B 207 12.35 21.49 6.19
N PHE B 208 12.39 20.34 5.51
CA PHE B 208 12.19 20.28 4.07
C PHE B 208 10.89 20.96 3.71
N MET B 209 9.83 20.63 4.44
CA MET B 209 8.53 21.14 4.03
C MET B 209 8.37 22.59 4.49
N GLY B 210 9.43 23.16 5.09
CA GLY B 210 9.46 24.59 5.36
C GLY B 210 10.08 25.38 4.19
N ASN B 211 10.49 24.65 3.14
CA ASN B 211 11.17 25.25 2.00
C ASN B 211 10.23 26.26 1.35
N LYS B 212 10.79 27.09 0.47
CA LYS B 212 10.12 28.31 0.04
C LYS B 212 9.08 27.98 -1.02
N TYR B 213 9.10 26.76 -1.57
CA TYR B 213 8.11 26.32 -2.55
C TYR B 213 6.97 25.54 -1.90
N SER B 214 6.94 25.39 -0.58
CA SER B 214 6.04 24.44 0.07
C SER B 214 4.72 25.11 0.44
N ASN B 215 3.60 24.39 0.27
CA ASN B 215 2.31 24.96 0.59
C ASN B 215 1.67 24.24 1.76
N ILE B 216 2.38 23.27 2.34
CA ILE B 216 1.84 22.58 3.49
C ILE B 216 2.67 22.97 4.73
N ASP B 217 1.93 23.21 5.82
CA ASP B 217 2.44 23.49 7.13
C ASP B 217 2.31 22.24 8.02
N LEU B 218 3.44 21.64 8.37
CA LEU B 218 3.47 20.45 9.18
C LEU B 218 3.46 20.76 10.67
N GLY B 219 3.44 22.05 11.05
CA GLY B 219 3.14 22.47 12.43
C GLY B 219 4.33 22.80 13.34
N LEU B 220 5.58 22.92 12.83
CA LEU B 220 6.72 23.26 13.68
C LEU B 220 7.41 24.55 13.21
N THR B 221 6.69 25.46 12.57
CA THR B 221 7.31 26.65 12.01
C THR B 221 7.70 27.58 13.15
N GLN B 222 7.05 27.46 14.29
CA GLN B 222 7.43 28.26 15.45
C GLN B 222 8.86 27.93 15.88
N TRP B 223 9.41 26.80 15.43
CA TRP B 223 10.77 26.43 15.75
C TRP B 223 11.77 26.95 14.71
N GLY B 224 11.25 27.73 13.73
CA GLY B 224 12.08 28.34 12.70
C GLY B 224 12.09 27.61 11.35
N PHE B 225 11.35 26.51 11.22
CA PHE B 225 11.32 25.73 9.98
C PHE B 225 10.45 26.38 8.90
N LYS B 226 10.79 27.61 8.49
CA LYS B 226 10.21 28.26 7.32
C LYS B 226 11.35 29.04 6.68
N GLN B 227 11.87 28.55 5.55
CA GLN B 227 12.90 29.21 4.75
C GLN B 227 12.39 30.57 4.30
N LEU B 228 13.19 31.64 4.47
CA LEU B 228 12.77 32.98 4.07
C LEU B 228 12.91 33.12 2.56
N PRO B 229 12.15 34.02 1.89
CA PRO B 229 12.06 33.98 0.43
C PRO B 229 13.42 34.25 -0.24
N ASN B 230 14.32 35.01 0.44
CA ASN B 230 15.64 35.31 -0.12
C ASN B 230 16.78 34.57 0.57
N GLU B 231 16.50 33.47 1.29
CA GLU B 231 17.54 32.76 2.02
C GLU B 231 17.89 31.48 1.25
N SER B 232 19.17 31.13 1.20
CA SER B 232 19.58 29.89 0.55
C SER B 232 19.20 28.70 1.43
N TYR B 233 19.12 27.50 0.83
CA TYR B 233 18.74 26.33 1.59
C TYR B 233 19.86 26.02 2.58
N ILE B 234 21.11 26.23 2.17
CA ILE B 234 22.24 25.99 3.05
C ILE B 234 22.17 26.89 4.27
N ASP B 235 21.75 28.15 4.09
CA ASP B 235 21.68 29.10 5.18
C ASP B 235 20.50 28.76 6.07
N TYR B 236 19.43 28.22 5.45
CA TYR B 236 18.26 27.73 6.16
C TYR B 236 18.68 26.59 7.07
N ILE B 237 19.32 25.58 6.49
CA ILE B 237 19.85 24.47 7.27
C ILE B 237 20.66 24.98 8.44
N LYS B 238 21.56 25.93 8.17
CA LYS B 238 22.47 26.44 9.20
C LYS B 238 21.64 27.14 10.28
N ARG B 239 20.66 27.96 9.88
CA ARG B 239 19.92 28.77 10.86
C ARG B 239 19.20 27.85 11.83
N VAL B 240 18.73 26.74 11.30
CA VAL B 240 17.69 25.94 11.92
C VAL B 240 18.34 24.80 12.70
N SER B 241 19.62 24.51 12.41
CA SER B 241 20.39 23.56 13.21
C SER B 241 20.60 24.08 14.64
N LYS B 242 20.40 25.37 14.88
CA LYS B 242 20.59 25.93 16.21
C LYS B 242 19.29 25.95 17.01
N SER B 243 18.19 25.51 16.39
CA SER B 243 16.91 25.49 17.07
C SER B 243 16.93 24.46 18.20
N LYS B 244 16.15 24.71 19.26
CA LYS B 244 16.11 23.75 20.37
C LYS B 244 15.26 22.52 20.00
N ILE B 245 14.53 22.55 18.86
CA ILE B 245 13.59 21.50 18.51
C ILE B 245 14.29 20.14 18.55
N TRP B 246 15.54 20.12 18.11
CA TRP B 246 16.27 18.87 17.95
C TRP B 246 16.37 18.14 19.28
N THR B 247 16.35 18.87 20.41
CA THR B 247 16.56 18.24 21.70
C THR B 247 15.37 18.46 22.63
N SER B 248 14.36 19.24 22.21
CA SER B 248 13.23 19.57 23.05
C SER B 248 12.29 18.38 23.28
N ASP B 249 11.52 18.51 24.37
CA ASP B 249 10.38 17.66 24.70
C ASP B 249 9.05 18.35 24.36
N ASP B 250 9.10 19.60 23.88
CA ASP B 250 7.91 20.30 23.42
C ASP B 250 7.56 19.88 21.98
N ASN B 251 7.28 18.58 21.80
CA ASN B 251 6.87 17.99 20.53
C ASN B 251 5.96 16.77 20.74
N ALA B 252 5.23 16.37 19.69
CA ALA B 252 4.27 15.29 19.76
C ALA B 252 4.90 13.97 20.19
N ALA B 253 6.03 13.64 19.61
CA ALA B 253 6.63 12.35 19.91
C ALA B 253 6.83 12.18 21.41
N TYR B 254 7.31 13.21 22.11
CA TYR B 254 7.51 13.11 23.54
C TYR B 254 6.16 12.93 24.23
N ASP B 255 5.19 13.75 23.84
CA ASP B 255 3.90 13.75 24.50
C ASP B 255 3.15 12.43 24.35
N LEU B 256 3.45 11.60 23.34
CA LEU B 256 2.72 10.35 23.14
C LEU B 256 3.41 9.22 23.90
N THR B 257 4.57 9.49 24.51
CA THR B 257 5.22 8.48 25.34
C THR B 257 4.39 8.27 26.61
N LEU B 258 4.72 7.18 27.32
CA LEU B 258 4.07 6.86 28.57
C LEU B 258 4.30 8.00 29.55
N ASP B 259 5.55 8.46 29.68
CA ASP B 259 5.86 9.54 30.61
C ASP B 259 5.13 10.80 30.18
N GLY B 260 5.19 11.09 28.88
CA GLY B 260 4.64 12.32 28.36
C GLY B 260 3.14 12.44 28.62
N SER B 261 2.45 11.32 28.49
CA SER B 261 1.00 11.27 28.64
C SER B 261 0.62 11.30 30.11
N ALA B 262 1.45 10.62 30.92
CA ALA B 262 1.29 10.65 32.37
C ALA B 262 1.33 12.09 32.87
N LYS B 263 2.28 12.89 32.34
CA LYS B 263 2.42 14.27 32.77
C LYS B 263 1.17 15.07 32.44
N LEU B 264 0.55 14.79 31.29
CA LEU B 264 -0.70 15.48 31.01
C LEU B 264 -1.78 15.02 31.98
N ASN B 265 -1.71 13.75 32.39
CA ASN B 265 -2.75 13.18 33.24
C ASN B 265 -2.65 13.81 34.62
N ASN B 266 -1.41 14.00 35.07
CA ASN B 266 -1.07 14.58 36.36
C ASN B 266 -1.45 16.05 36.48
N MET B 267 -1.67 16.75 35.37
CA MET B 267 -1.96 18.17 35.45
C MET B 267 -3.38 18.44 34.93
N THR B 268 -4.15 17.39 34.62
CA THR B 268 -5.53 17.59 34.19
C THR B 268 -6.46 17.07 35.28
N SER B 269 -7.72 17.49 35.22
CA SER B 269 -8.67 17.10 36.24
C SER B 269 -10.06 17.13 35.62
N MET B 270 -11.03 16.49 36.27
CA MET B 270 -12.34 16.35 35.66
C MET B 270 -13.14 17.63 35.84
N ASN B 271 -13.73 18.15 34.76
CA ASN B 271 -14.70 19.23 34.87
C ASN B 271 -16.07 18.61 35.09
N PRO B 272 -16.67 18.79 36.27
CA PRO B 272 -17.95 18.13 36.57
C PRO B 272 -19.12 18.54 35.68
N ASN B 273 -18.98 19.60 34.84
CA ASN B 273 -20.05 19.95 33.90
C ASN B 273 -19.84 19.42 32.48
N ILE B 274 -18.73 18.70 32.22
CA ILE B 274 -18.46 18.25 30.87
C ILE B 274 -18.85 16.78 30.74
N THR B 275 -19.48 16.41 29.61
CA THR B 275 -19.72 15.01 29.34
C THR B 275 -18.52 14.38 28.64
N TYR B 276 -17.91 13.39 29.31
CA TYR B 276 -16.69 12.72 28.86
C TYR B 276 -16.98 11.30 28.34
N THR B 277 -16.52 10.98 27.12
CA THR B 277 -16.79 9.67 26.58
C THR B 277 -15.61 9.19 25.72
N THR B 278 -15.27 7.89 25.84
CA THR B 278 -14.17 7.34 25.08
C THR B 278 -14.55 6.11 24.26
N TYR B 279 -13.89 5.97 23.12
CA TYR B 279 -13.99 4.79 22.31
C TYR B 279 -12.61 4.18 22.10
N THR B 280 -12.57 2.86 21.90
CA THR B 280 -11.33 2.12 21.84
C THR B 280 -11.51 1.01 20.82
N GLY B 281 -10.46 0.69 20.11
CA GLY B 281 -10.53 -0.36 19.13
C GLY B 281 -9.55 -1.46 19.52
N VAL B 282 -9.81 -2.69 19.06
CA VAL B 282 -8.84 -3.75 19.15
C VAL B 282 -8.61 -4.27 17.74
N SER B 283 -7.35 -4.56 17.40
CA SER B 283 -7.03 -5.11 16.09
C SER B 283 -5.84 -6.05 16.21
N SER B 284 -5.62 -6.60 17.39
CA SER B 284 -4.60 -7.60 17.60
C SER B 284 -5.25 -8.90 18.07
N HIS B 285 -4.48 -9.99 18.08
CA HIS B 285 -4.97 -11.29 18.52
C HIS B 285 -3.84 -11.97 19.29
N THR B 286 -4.24 -12.81 20.26
CA THR B 286 -3.30 -13.47 21.13
C THR B 286 -2.67 -14.64 20.38
N GLY B 287 -1.34 -14.77 20.47
CA GLY B 287 -0.59 -15.77 19.73
C GLY B 287 -0.20 -16.94 20.61
N PRO B 288 0.71 -17.82 20.12
CA PRO B 288 1.10 -19.01 20.88
C PRO B 288 1.48 -18.72 22.33
N LEU B 289 2.31 -17.68 22.54
CA LEU B 289 3.01 -17.52 23.80
C LEU B 289 2.35 -16.46 24.69
N GLY B 290 1.23 -15.87 24.25
CA GLY B 290 0.50 -14.87 25.03
C GLY B 290 0.74 -13.43 24.56
N TYR B 291 1.60 -13.27 23.54
CA TYR B 291 1.88 -11.98 22.93
C TYR B 291 0.78 -11.63 21.93
N GLU B 292 0.68 -10.35 21.55
CA GLU B 292 -0.36 -9.92 20.64
C GLU B 292 0.26 -9.54 19.31
N ASN B 293 -0.40 -9.96 18.23
CA ASN B 293 0.06 -9.68 16.89
C ASN B 293 -1.09 -9.03 16.14
N PRO B 294 -0.78 -8.18 15.16
CA PRO B 294 -1.82 -7.47 14.43
C PRO B 294 -2.68 -8.43 13.62
N ASP B 295 -3.97 -8.12 13.58
CA ASP B 295 -4.90 -8.83 12.72
C ASP B 295 -4.60 -8.49 11.27
N LEU B 296 -4.70 -9.47 10.38
CA LEU B 296 -4.93 -9.23 8.97
C LEU B 296 -6.03 -8.19 8.92
N GLY B 297 -5.82 -7.07 8.25
CA GLY B 297 -6.84 -6.02 8.31
C GLY B 297 -6.41 -4.80 9.11
N THR B 298 -5.41 -4.98 9.98
CA THR B 298 -4.75 -3.84 10.58
C THR B 298 -4.01 -3.09 9.47
N PHE B 299 -4.29 -1.79 9.30
CA PHE B 299 -3.62 -1.00 8.29
C PHE B 299 -2.11 -1.23 8.36
N PHE B 300 -1.50 -1.56 7.21
CA PHE B 300 -0.17 -2.13 7.16
C PHE B 300 0.89 -1.20 7.75
N LEU B 301 0.66 0.11 7.69
CA LEU B 301 1.65 1.05 8.22
C LEU B 301 1.82 0.90 9.74
N MET B 302 0.91 0.19 10.42
CA MET B 302 0.99 0.01 11.86
C MET B 302 1.50 -1.38 12.20
N ASP B 303 2.02 -2.08 11.21
CA ASP B 303 2.40 -3.46 11.43
C ASP B 303 3.47 -3.54 12.51
N THR B 304 4.51 -2.72 12.40
CA THR B 304 5.66 -2.83 13.28
C THR B 304 5.33 -2.28 14.66
N THR B 305 4.61 -1.17 14.73
CA THR B 305 4.22 -0.63 16.03
C THR B 305 3.33 -1.63 16.77
N SER B 306 2.42 -2.31 16.07
CA SER B 306 1.52 -3.28 16.70
C SER B 306 2.33 -4.39 17.36
N ARG B 307 3.37 -4.88 16.67
CA ARG B 307 4.19 -5.94 17.21
C ARG B 307 5.01 -5.45 18.40
N ILE B 308 5.49 -4.21 18.38
CA ILE B 308 6.24 -3.68 19.51
C ILE B 308 5.34 -3.70 20.75
N ILE B 309 4.16 -3.08 20.61
CA ILE B 309 3.21 -2.99 21.71
C ILE B 309 2.85 -4.38 22.18
N GLY B 310 2.47 -5.25 21.23
CA GLY B 310 1.93 -6.55 21.56
C GLY B 310 2.93 -7.49 22.23
N HIS B 311 4.23 -7.16 22.15
CA HIS B 311 5.26 -8.00 22.77
C HIS B 311 5.76 -7.36 24.07
N ASP B 312 4.93 -6.49 24.67
CA ASP B 312 5.31 -5.85 25.91
C ASP B 312 5.49 -6.89 27.01
N ALA B 313 6.35 -6.58 27.97
CA ALA B 313 6.51 -7.44 29.15
C ALA B 313 5.21 -7.46 29.96
N ARG B 314 4.63 -6.29 30.26
CA ARG B 314 3.39 -6.24 31.05
C ARG B 314 2.22 -6.67 30.15
N GLU B 315 1.57 -7.77 30.52
CA GLU B 315 0.59 -8.45 29.67
C GLU B 315 -0.57 -7.52 29.35
N GLU B 316 -0.92 -6.63 30.29
CA GLU B 316 -2.13 -5.85 30.17
C GLU B 316 -1.88 -4.67 29.22
N TRP B 317 -0.62 -4.48 28.78
CA TRP B 317 -0.24 -3.43 27.84
C TRP B 317 -0.17 -3.94 26.40
N ARG B 318 -0.63 -5.16 26.13
CA ARG B 318 -0.35 -5.80 24.85
C ARG B 318 -1.42 -5.58 23.80
N LYS B 319 -2.69 -5.82 24.14
CA LYS B 319 -3.81 -5.66 23.22
C LYS B 319 -3.82 -4.22 22.72
N ASN B 320 -4.03 -4.04 21.41
CA ASN B 320 -3.81 -2.74 20.78
C ASN B 320 -4.61 -2.60 19.48
N ASP B 321 -4.72 -1.35 19.00
CA ASP B 321 -5.45 -1.03 17.79
C ASP B 321 -4.47 -0.81 16.63
N GLY B 322 -3.22 -1.23 16.81
CA GLY B 322 -2.17 -0.91 15.84
C GLY B 322 -1.04 -0.05 16.42
N VAL B 323 -1.38 1.05 17.12
CA VAL B 323 -0.42 1.96 17.71
C VAL B 323 -0.82 2.36 19.13
N VAL B 324 -2.06 2.11 19.56
CA VAL B 324 -2.44 2.44 20.91
C VAL B 324 -2.93 1.20 21.66
N PRO B 325 -2.32 0.92 22.83
CA PRO B 325 -2.74 -0.20 23.66
C PRO B 325 -4.10 0.13 24.24
N VAL B 326 -4.86 -0.92 24.55
CA VAL B 326 -6.22 -0.74 25.03
C VAL B 326 -6.23 0.03 26.36
N ILE B 327 -5.39 -0.37 27.35
CA ILE B 327 -5.25 0.32 28.64
C ILE B 327 -5.10 1.81 28.39
N SER B 328 -4.44 2.22 27.31
CA SER B 328 -4.14 3.62 27.12
C SER B 328 -5.37 4.37 26.62
N SER B 329 -6.22 3.69 25.85
CA SER B 329 -7.33 4.35 25.18
C SER B 329 -8.62 4.40 26.00
N LEU B 330 -8.81 3.43 26.92
CA LEU B 330 -10.04 3.36 27.71
C LEU B 330 -10.30 4.68 28.41
N HIS B 331 -9.30 5.14 29.18
CA HIS B 331 -9.41 6.33 30.03
C HIS B 331 -8.02 6.68 30.57
N PRO B 332 -7.75 7.97 30.85
CA PRO B 332 -6.57 8.33 31.63
C PRO B 332 -6.56 7.47 32.89
N SER B 333 -5.39 6.95 33.29
CA SER B 333 -5.35 5.87 34.25
C SER B 333 -5.74 6.33 35.66
N ASN B 334 -5.55 7.63 35.90
CA ASN B 334 -5.71 8.21 37.22
C ASN B 334 -6.98 9.06 37.27
N GLN B 335 -7.86 8.95 36.26
CA GLN B 335 -9.10 9.70 36.31
C GLN B 335 -10.27 8.74 36.48
N PRO B 336 -11.42 9.22 37.01
CA PRO B 336 -12.60 8.37 37.19
C PRO B 336 -13.26 7.99 35.88
N PHE B 337 -13.72 6.73 35.80
CA PHE B 337 -14.39 6.23 34.63
C PHE B 337 -15.51 5.29 35.01
N VAL B 338 -16.43 5.08 34.07
CA VAL B 338 -17.45 4.06 34.20
C VAL B 338 -17.64 3.35 32.87
N ASN B 339 -17.46 2.02 32.89
CA ASN B 339 -17.79 1.18 31.75
C ASN B 339 -19.27 1.32 31.38
N VAL B 340 -19.50 1.59 30.11
CA VAL B 340 -20.82 1.87 29.61
C VAL B 340 -21.12 0.84 28.53
N THR B 341 -22.40 0.82 28.16
CA THR B 341 -22.97 -0.06 27.19
C THR B 341 -23.24 0.76 25.94
N ASN B 342 -23.44 0.09 24.80
CA ASN B 342 -23.78 0.78 23.56
C ASN B 342 -25.14 1.45 23.62
N ASN B 343 -26.06 0.90 24.42
CA ASN B 343 -27.42 1.39 24.46
C ASN B 343 -27.62 2.41 25.60
N GLU B 344 -26.70 2.41 26.56
CA GLU B 344 -26.78 3.30 27.70
C GLU B 344 -26.60 4.73 27.19
N PRO B 345 -27.55 5.68 27.39
CA PRO B 345 -27.32 7.06 26.99
C PRO B 345 -26.10 7.53 27.78
N ALA B 346 -25.21 8.25 27.08
CA ALA B 346 -23.90 8.51 27.64
C ALA B 346 -23.86 9.93 28.18
N THR B 347 -24.51 10.14 29.32
CA THR B 347 -25.12 11.41 29.61
C THR B 347 -24.59 11.89 30.97
N ARG B 348 -23.82 11.04 31.65
CA ARG B 348 -23.18 11.40 32.92
C ARG B 348 -22.10 12.45 32.69
N ARG B 349 -22.08 13.46 33.56
CA ARG B 349 -21.03 14.46 33.55
C ARG B 349 -19.91 14.02 34.49
N GLY B 350 -18.70 14.52 34.24
CA GLY B 350 -17.64 14.49 35.23
C GLY B 350 -16.89 13.16 35.32
N ILE B 351 -17.17 12.24 34.39
CA ILE B 351 -16.60 10.91 34.50
C ILE B 351 -16.43 10.36 33.10
N TRP B 352 -15.32 9.60 32.93
CA TRP B 352 -14.99 9.03 31.65
C TRP B 352 -15.91 7.83 31.36
N GLN B 353 -16.86 8.03 30.44
CA GLN B 353 -17.78 6.99 30.02
C GLN B 353 -17.15 6.12 28.94
N VAL B 354 -16.60 4.95 29.33
CA VAL B 354 -15.86 4.15 28.36
C VAL B 354 -16.76 3.17 27.60
N LYS B 355 -16.94 3.51 26.31
CA LYS B 355 -17.75 2.77 25.37
C LYS B 355 -17.14 1.39 25.13
N PRO B 356 -17.94 0.37 24.76
CA PRO B 356 -17.39 -0.97 24.63
C PRO B 356 -16.49 -1.00 23.40
N ILE B 357 -15.36 -1.71 23.55
CA ILE B 357 -14.33 -1.87 22.53
C ILE B 357 -14.92 -2.29 21.20
N LEU B 358 -14.54 -1.63 20.09
CA LEU B 358 -14.88 -2.12 18.76
C LEU B 358 -13.85 -3.12 18.27
N GLN B 359 -14.27 -4.39 18.25
CA GLN B 359 -13.47 -5.52 17.80
C GLN B 359 -13.20 -5.36 16.32
N GLY B 360 -11.92 -5.45 15.94
CA GLY B 360 -11.51 -5.36 14.54
C GLY B 360 -11.36 -3.93 14.02
N TRP B 361 -11.60 -2.91 14.84
CA TRP B 361 -11.31 -1.54 14.45
C TRP B 361 -9.88 -1.22 14.84
N ASP B 362 -9.06 -0.86 13.85
CA ASP B 362 -7.71 -0.45 14.15
C ASP B 362 -7.75 1.07 14.30
N HIS B 363 -6.59 1.59 14.70
CA HIS B 363 -6.40 3.01 14.95
C HIS B 363 -7.02 3.87 13.84
N VAL B 364 -6.88 3.49 12.58
CA VAL B 364 -7.32 4.38 11.52
C VAL B 364 -8.70 4.01 11.02
N ASP B 365 -9.19 2.81 11.35
CA ASP B 365 -10.56 2.51 10.97
C ASP B 365 -11.53 3.54 11.58
N PHE B 366 -11.17 4.16 12.71
CA PHE B 366 -12.04 5.17 13.31
C PHE B 366 -12.29 6.37 12.40
N ILE B 367 -11.36 6.64 11.49
CA ILE B 367 -11.47 7.78 10.60
C ILE B 367 -11.63 7.34 9.15
N GLY B 368 -11.67 6.01 8.91
CA GLY B 368 -12.14 5.49 7.64
C GLY B 368 -11.14 5.52 6.49
N VAL B 369 -9.85 5.62 6.81
CA VAL B 369 -8.85 5.82 5.77
C VAL B 369 -8.14 4.50 5.46
N ASP B 370 -8.60 3.39 6.04
CA ASP B 370 -8.03 2.09 5.68
C ASP B 370 -8.74 1.58 4.42
N PHE B 371 -8.30 2.00 3.24
CA PHE B 371 -8.99 1.63 2.02
C PHE B 371 -8.77 0.16 1.69
N LEU B 372 -7.74 -0.45 2.30
CA LEU B 372 -7.42 -1.87 2.13
C LEU B 372 -8.44 -2.78 2.84
N ASP B 373 -9.20 -2.27 3.82
CA ASP B 373 -9.97 -3.14 4.70
C ASP B 373 -11.45 -3.08 4.32
N PHE B 374 -11.93 -4.12 3.61
CA PHE B 374 -13.26 -4.15 3.04
C PHE B 374 -14.29 -4.53 4.11
N LYS B 375 -13.83 -5.19 5.20
CA LYS B 375 -14.64 -5.52 6.37
C LYS B 375 -15.21 -4.24 7.00
N ARG B 376 -14.48 -3.12 6.90
CA ARG B 376 -14.95 -1.90 7.54
C ARG B 376 -15.61 -1.03 6.50
N LYS B 377 -16.96 -1.01 6.47
CA LYS B 377 -17.64 -0.32 5.40
C LYS B 377 -18.13 1.05 5.85
N GLY B 378 -18.44 1.84 4.81
CA GLY B 378 -18.93 3.18 4.95
C GLY B 378 -20.19 3.27 5.80
N SER B 379 -21.08 2.31 5.63
CA SER B 379 -22.36 2.40 6.30
C SER B 379 -22.15 2.18 7.80
N GLU B 380 -21.22 1.29 8.17
CA GLU B 380 -20.79 1.07 9.55
C GLU B 380 -20.26 2.38 10.14
N LEU B 381 -19.35 3.03 9.41
CA LEU B 381 -18.69 4.22 9.90
C LEU B 381 -19.70 5.34 10.01
N ALA B 382 -20.61 5.45 9.05
CA ALA B 382 -21.70 6.42 9.16
C ALA B 382 -22.50 6.21 10.44
N ASN B 383 -22.74 4.95 10.83
CA ASN B 383 -23.53 4.66 12.02
C ASN B 383 -22.78 5.12 13.25
N PHE B 384 -21.48 4.85 13.29
CA PHE B 384 -20.63 5.25 14.39
C PHE B 384 -20.68 6.75 14.58
N TYR B 385 -20.53 7.52 13.49
CA TYR B 385 -20.50 8.98 13.59
C TYR B 385 -21.90 9.49 13.96
N ILE B 386 -22.97 8.91 13.39
CA ILE B 386 -24.31 9.34 13.75
C ILE B 386 -24.51 9.07 15.23
N GLY B 387 -24.02 7.90 15.67
CA GLY B 387 -24.01 7.51 17.06
C GLY B 387 -23.44 8.60 17.95
N ILE B 388 -22.30 9.15 17.55
CA ILE B 388 -21.64 10.16 18.36
C ILE B 388 -22.51 11.41 18.40
N ILE B 389 -23.02 11.83 17.25
CA ILE B 389 -23.86 13.02 17.18
C ILE B 389 -25.08 12.84 18.09
N ASN B 390 -25.66 11.63 18.11
CA ASN B 390 -26.85 11.37 18.91
C ASN B 390 -26.54 11.56 20.39
N ASP B 391 -25.45 10.95 20.84
CA ASP B 391 -25.00 11.15 22.20
C ASP B 391 -24.85 12.65 22.50
N LEU B 392 -24.35 13.44 21.53
CA LEU B 392 -24.11 14.87 21.74
C LEU B 392 -25.43 15.62 21.83
N LEU B 393 -26.37 15.25 20.97
CA LEU B 393 -27.74 15.77 21.04
C LEU B 393 -28.32 15.51 22.42
N SER B 394 -28.05 14.31 22.96
CA SER B 394 -28.52 13.91 24.28
C SER B 394 -27.97 14.83 25.36
N VAL B 395 -26.67 15.13 25.24
CA VAL B 395 -26.01 15.98 26.22
C VAL B 395 -26.72 17.32 26.23
N GLU B 396 -27.05 17.83 25.03
CA GLU B 396 -27.72 19.11 24.89
C GLU B 396 -29.07 19.06 25.58
N ALA B 397 -29.76 17.92 25.46
CA ALA B 397 -31.15 17.82 25.90
C ALA B 397 -31.21 17.48 27.38
N THR B 398 -30.14 16.97 27.97
CA THR B 398 -30.16 16.69 29.40
C THR B 398 -29.46 17.79 30.20
N GLU B 399 -29.57 19.04 29.73
CA GLU B 399 -29.07 20.16 30.50
C GLU B 399 -30.15 20.68 31.45
C1 GOL C . 6.17 -31.89 -3.47
O1 GOL C . 5.70 -32.43 -4.71
C2 GOL C . 7.48 -32.50 -3.01
O2 GOL C . 7.32 -33.90 -2.76
C3 GOL C . 8.61 -32.25 -3.98
O3 GOL C . 9.79 -32.99 -3.66
C1 OCA D . 7.65 -0.31 -2.66
C2 OCA D . 7.77 0.88 -1.72
C3 OCA D . 8.50 0.65 -0.45
C4 OCA D . 9.67 1.62 -0.23
C5 OCA D . 9.36 2.86 0.62
C6 OCA D . 9.24 2.58 2.11
C7 OCA D . 10.54 2.44 2.91
C8 OCA D . 10.98 1.01 3.17
O1 OCA D . 6.97 -1.32 -2.24
O2 OCA D . 8.21 -0.21 -3.81
C1 PPI E . -3.92 -2.29 -11.61
C2 PPI E . -5.29 -1.88 -11.04
C3 PPI E . -5.42 -0.47 -10.53
O1 PPI E . -2.92 -1.62 -11.31
O2 PPI E . -3.87 -3.31 -12.36
C1 PPI F . -5.34 2.14 -14.17
C2 PPI F . -4.47 3.23 -13.55
C3 PPI F . -4.85 3.77 -12.18
O1 PPI F . -6.10 1.46 -13.42
O2 PPI F . -5.27 1.93 -15.42
C1 PPI G . 21.55 -12.84 -12.14
C2 PPI G . 21.24 -11.97 -10.92
C3 PPI G . 19.80 -11.83 -10.49
O1 PPI G . 22.74 -12.81 -12.57
O2 PPI G . 20.62 -13.57 -12.67
N1 A1L60 H . -0.46 -6.10 -11.03
C4 A1L60 H . 0.51 -6.43 -12.09
C5 A1L60 H . -0.92 -7.35 -10.43
C6 A1L60 H . 0.13 -5.19 -10.06
C7 A1L60 H . -2.10 -8.42 -13.97
C8 A1L60 H . 1.65 -5.28 -10.01
C10 A1L60 H . 3.35 -5.05 -8.27
C13 A1L60 H . -3.57 -8.72 -15.86
C15 A1L60 H . 4.60 -5.86 -8.58
C17 A1L60 H . -3.09 -10.06 -15.95
C20 A1L60 H . 5.70 -5.09 -8.94
C21 A1L60 H . 3.71 -5.21 -5.72
C22 A1L60 H . 4.75 -7.24 -8.56
C24 A1L60 H . 6.91 -5.66 -9.24
C26 A1L60 H . 5.96 -7.82 -8.87
C28 A1L60 H . 7.02 -7.02 -9.19
CL1 A1L60 H . -3.64 -11.24 -17.10
F1 A1L60 H . -5.29 -8.95 -17.49
F2 A1L60 H . -5.54 -7.35 -16.16
F3 A1L60 H . -4.13 -7.09 -17.60
F4 A1L60 H . 3.59 -2.60 -3.22
F5 A1L60 H . 8.22 -7.56 -9.52
O1 A1L60 H . -2.56 -6.46 -12.69
C1 A1L60 H . -1.60 -7.51 -12.86
C2 A1L60 H . -0.19 -7.08 -13.25
C3 A1L60 H . -1.50 -8.24 -11.51
C9 A1L60 H . 2.10 -5.83 -8.71
C11 A1L60 H . -3.05 -7.93 -14.84
C12 A1L60 H . -1.65 -9.72 -14.09
C14 A1L60 H . 3.41 -4.49 -6.87
C16 A1L60 H . -2.15 -10.54 -15.08
C18 A1L60 H . -4.61 -8.08 -16.79
C19 A1L60 H . 3.20 -3.11 -6.75
C23 A1L60 H . 3.26 -2.47 -5.53
C25 A1L60 H . 3.78 -4.58 -4.48
C27 A1L60 H . 3.55 -3.23 -4.43
C FMT I . 1.60 -11.49 -15.20
O1 FMT I . 1.13 -11.97 -16.23
O2 FMT I . 1.10 -11.59 -13.91
C FMT J . 3.00 -9.08 -11.79
O1 FMT J . 3.43 -7.94 -11.92
O2 FMT J . 1.72 -9.44 -11.36
C1 BUA K . -0.27 0.39 -16.68
C2 BUA K . -1.50 -0.36 -16.12
C3 BUA K . -2.02 -1.53 -16.97
C4 BUA K . -2.86 -2.64 -16.32
O1 BUA K . -3.34 -3.60 -17.03
O2 BUA K . -3.06 -2.57 -15.09
C1 OCA L . -3.31 8.91 -22.24
C2 OCA L . -2.53 8.89 -20.91
C3 OCA L . -1.37 9.86 -20.79
C4 OCA L . -0.60 9.75 -19.46
C5 OCA L . 0.88 10.12 -19.58
C6 OCA L . 1.72 9.87 -18.31
C7 OCA L . 2.42 11.11 -17.72
C8 OCA L . 3.41 10.84 -16.59
O1 OCA L . -4.29 8.06 -22.34
O2 OCA L . -2.95 9.75 -23.19
ZN ZN M . 5.77 -8.59 -32.49
CA CA N . -2.22 -12.70 -0.79
C1 OCA O . 13.09 7.72 -5.30
C2 OCA O . 12.15 6.98 -6.22
C3 OCA O . 10.65 7.03 -5.94
C4 OCA O . 9.79 6.41 -7.06
C5 OCA O . 9.80 4.89 -7.20
C6 OCA O . 8.94 4.39 -8.35
C7 OCA O . 7.55 3.92 -7.97
C8 OCA O . 6.88 3.06 -9.03
O1 OCA O . 12.63 8.61 -4.55
O2 OCA O . 14.31 7.43 -5.31
CL CL P . 14.75 2.32 -23.19
CL CL Q . 7.05 1.95 -14.03
CL CL R . 19.84 -23.55 -31.78
C1 PPI S . 6.83 5.29 -1.34
C2 PPI S . 8.24 5.74 -0.95
C3 PPI S . 8.36 6.71 0.19
O1 PPI S . 5.85 5.86 -0.77
O2 PPI S . 6.69 4.37 -2.19
C1 BUA T . 7.57 10.82 9.70
C2 BUA T . 7.72 9.60 10.63
C3 BUA T . 6.70 9.56 11.77
C4 BUA T . 6.57 8.30 12.62
O1 BUA T . 6.65 7.20 12.04
O2 BUA T . 6.37 8.41 13.87
C1 GOL U . -26.01 4.03 20.40
O1 GOL U . -24.67 3.56 20.53
C2 GOL U . -26.21 5.39 21.05
O2 GOL U . -27.18 6.13 20.32
C3 GOL U . -26.60 5.31 22.52
O3 GOL U . -25.55 5.75 23.39
C1 BUA V . 16.51 20.52 -7.81
C2 BUA V . 15.11 21.15 -7.74
C3 BUA V . 14.96 22.42 -8.56
C4 BUA V . 14.56 23.70 -7.80
O1 BUA V . 15.48 24.35 -7.19
O2 BUA V . 13.36 24.07 -7.85
CAA 11A W . 3.97 6.96 8.54
CAD 11A W . 4.44 6.63 9.95
CAE 11A W . 4.68 5.16 10.25
CAF 11A W . 5.44 4.38 9.18
CAG 11A W . 6.44 3.38 9.71
CAH 11A W . 6.56 2.10 8.90
CAI 11A W . 7.03 2.31 7.47
CAJ 11A W . 8.29 1.55 7.09
CAK 11A W . 8.07 0.08 6.73
CAL 11A W . 8.04 -0.19 5.25
CAM 11A W . 6.65 -0.16 4.62
OAC 11A W . 6.30 -1.12 3.86
OAB 11A W . 5.91 0.81 4.90
CAA 11A X . 16.28 26.91 -2.12
CAD 11A X . 15.85 26.13 -3.38
CAE 11A X . 15.91 24.60 -3.32
CAF 11A X . 14.83 23.92 -2.43
CAG 11A X . 14.94 22.41 -2.25
CAH 11A X . 14.08 21.59 -3.18
CAI 11A X . 12.72 22.21 -3.48
CAJ 11A X . 12.13 21.78 -4.80
CAK 11A X . 11.69 22.91 -5.76
CAL 11A X . 10.17 23.05 -5.87
CAM 11A X . 9.58 23.54 -7.18
OAC 11A X . 10.32 24.25 -7.94
OAB 11A X . 8.37 23.19 -7.43
N1 A1L60 Y . 0.21 6.61 10.71
C4 A1L60 Y . -0.18 7.98 11.10
C5 A1L60 Y . -0.66 5.63 11.40
C6 A1L60 Y . 0.27 6.40 9.25
C7 A1L60 Y . 0.73 7.04 14.71
C8 A1L60 Y . -0.34 7.52 8.41
C10 A1L60 Y . -2.01 7.89 6.61
C13 A1L60 Y . 2.15 7.04 16.68
C15 A1L60 Y . -3.10 8.91 6.86
C17 A1L60 Y . 0.98 7.31 17.43
C20 A1L60 Y . -3.20 9.90 5.89
C21 A1L60 Y . -1.25 7.02 4.37
C22 A1L60 Y . -3.93 9.01 7.97
C24 A1L60 Y . -4.12 10.93 5.99
C26 A1L60 Y . -4.83 10.06 8.09
C28 A1L60 Y . -4.90 10.98 7.08
CL1 A1L60 Y . 0.92 7.46 19.15
F1 A1L60 Y . 3.97 7.91 18.00
F2 A1L60 Y . 3.73 5.80 17.99
F3 A1L60 Y . 4.56 6.88 16.35
F4 A1L60 Y . -2.82 5.10 1.76
F5 A1L60 Y . -5.78 12.03 7.17
O1 A1L60 Y . 1.83 6.35 12.66
C1 A1L60 Y . 0.59 6.85 13.20
C2 A1L60 Y . 0.16 8.18 12.57
C3 A1L60 Y . -0.48 5.80 12.89
C9 A1L60 Y . -1.67 7.08 7.87
C11 A1L60 Y . 1.98 6.89 15.32
C12 A1L60 Y . -0.38 7.31 15.48
C14 A1L60 Y . -2.27 7.09 5.33
C16 A1L60 Y . -0.26 7.44 16.85
C18 A1L60 Y . 3.56 6.89 17.25
C19 A1L60 Y . -3.49 6.48 5.04
C23 A1L60 Y . -3.68 5.81 3.84
C25 A1L60 Y . -1.43 6.37 3.17
C27 A1L60 Y . -2.64 5.77 2.94
C FMT Z . -2.49 10.30 15.68
O1 FMT Z . -2.27 10.48 16.88
O2 FMT Z . -3.11 9.19 15.09
C FMT AA . -3.36 8.97 11.31
O1 FMT AA . -3.24 8.25 12.29
O2 FMT AA . -2.48 9.98 10.88
C1 SHV BA . 1.32 14.05 -7.89
O1 SHV BA . 0.69 15.14 -7.75
O2 SHV BA . 1.27 13.39 -8.97
C2 SHV BA . 2.18 13.50 -6.75
C3 SHV BA . 1.50 13.42 -5.35
C4 SHV BA . 2.09 12.37 -4.37
C5 SHV BA . 1.65 12.55 -2.91
C6 SHV BA . 1.97 11.39 -1.96
C7 SHV BA . 2.47 11.76 -0.57
ZN ZN CA . 5.60 24.87 22.65
CA CA DA . -8.39 -1.95 9.52
CA 6NA EA . 3.25 13.89 4.49
C 6NA EA . 4.11 14.90 3.74
O 6NA EA . 5.16 14.48 3.19
CB 6NA EA . 3.80 12.47 4.65
CG 6NA EA . 3.17 11.69 5.81
CD 6NA EA . 3.29 10.16 5.82
C6 6NA EA . 2.03 9.37 6.22
OXT 6NA EA . 3.74 16.11 3.68
CA 6NA FA . 3.80 0.89 -0.16
C 6NA FA . 4.23 1.80 0.98
O 6NA FA . 3.72 2.94 1.08
CB 6NA FA . 3.16 1.54 -1.38
CG 6NA FA . 1.73 1.07 -1.65
CD 6NA FA . 1.50 0.44 -3.01
C6 6NA FA . 1.77 1.34 -4.20
OXT 6NA FA . 5.06 1.35 1.82
CL CL GA . 4.79 26.79 5.50
C1 BUA HA . 10.30 4.50 6.07
C2 BUA HA . 11.06 5.71 6.65
C3 BUA HA . 10.38 6.42 7.81
C4 BUA HA . 10.46 5.76 9.18
O1 BUA HA . 10.04 4.60 9.29
O2 BUA HA . 10.90 6.41 10.17
C1 PPI IA . 0.92 6.73 -4.88
C2 PPI IA . 1.37 5.47 -4.14
C3 PPI IA . 1.00 5.36 -2.69
O1 PPI IA . 0.75 6.65 -6.14
O2 PPI IA . 0.74 7.79 -4.21
#